data_1RLI
#
_entry.id   1RLI
#
_cell.length_a   60.993
_cell.length_b   90.666
_cell.length_c   63.446
_cell.angle_alpha   90.00
_cell.angle_beta   97.02
_cell.angle_gamma   90.00
#
_symmetry.space_group_name_H-M   'P 1 21 1'
#
loop_
_entity.id
_entity.type
_entity.pdbx_description
1 polymer 'Trp Repressor Binding Protein'
2 non-polymer 'PLATINUM (II) ION'
3 non-polymer 'PHOSPHATE ION'
4 water water
#
_entity_poly.entity_id   1
_entity_poly.type   'polypeptide(L)'
_entity_poly.pdbx_seq_one_letter_code
;SNAMKIAVINGGTRSGGNTDVLAEKAVQGFDAEHIYLQKYPIQPIEDLRHAQGGFRPVQDDYDSIIERILQCHILIFATP
IYWFGMSGTLKLFIDRWSQTLRDPRFPDFKQQMSVKQAYVIAVGGDNPKIKGLPLIQQFEHIFHFMGMSFKGYVLGEGNR
PGDILRDHQALSAASRLLKRSDAI
;
_entity_poly.pdbx_strand_id   A,B,C,D
#
# COMPACT_ATOMS: atom_id res chain seq x y z
N LYS A 5 17.44 7.83 -27.79
CA LYS A 5 15.95 7.86 -27.74
C LYS A 5 15.45 7.47 -26.35
N ILE A 6 16.21 6.64 -25.65
CA ILE A 6 15.81 6.22 -24.29
C ILE A 6 16.95 6.40 -23.30
N ALA A 7 16.61 6.68 -22.06
CA ALA A 7 17.63 6.89 -21.05
C ALA A 7 17.42 6.06 -19.81
N VAL A 8 18.51 5.62 -19.21
CA VAL A 8 18.46 4.88 -17.96
C VAL A 8 18.99 5.88 -16.92
N ILE A 9 18.14 6.23 -15.96
CA ILE A 9 18.55 7.16 -14.92
C ILE A 9 18.89 6.26 -13.76
N ASN A 10 20.19 6.09 -13.53
CA ASN A 10 20.66 5.21 -12.47
C ASN A 10 20.93 5.94 -11.16
N GLY A 11 20.21 5.55 -10.13
CA GLY A 11 20.36 6.16 -8.81
C GLY A 11 21.43 5.47 -7.99
N GLY A 12 22.16 4.56 -8.61
CA GLY A 12 23.24 3.88 -7.92
C GLY A 12 24.50 4.53 -8.45
N THR A 13 25.56 3.74 -8.62
CA THR A 13 26.82 4.26 -9.16
C THR A 13 27.18 3.31 -10.28
N ARG A 14 28.14 3.68 -11.13
CA ARG A 14 28.54 2.77 -12.19
C ARG A 14 29.43 1.77 -11.49
N SER A 15 28.94 0.56 -11.28
CA SER A 15 29.73 -0.44 -10.57
C SER A 15 29.52 -1.87 -11.05
N GLY A 16 28.62 -2.06 -12.00
CA GLY A 16 28.36 -3.41 -12.49
C GLY A 16 27.69 -4.21 -11.39
N GLY A 17 26.89 -3.52 -10.59
CA GLY A 17 26.18 -4.17 -9.50
C GLY A 17 24.84 -4.75 -9.91
N ASN A 18 24.09 -5.30 -8.96
CA ASN A 18 22.81 -5.92 -9.27
C ASN A 18 21.81 -5.04 -10.02
N THR A 19 21.69 -3.78 -9.61
CA THR A 19 20.74 -2.89 -10.29
C THR A 19 21.19 -2.64 -11.73
N ASP A 20 22.49 -2.47 -11.92
CA ASP A 20 23.03 -2.25 -13.27
C ASP A 20 22.83 -3.48 -14.14
N VAL A 21 23.01 -4.67 -13.58
CA VAL A 21 22.83 -5.88 -14.38
C VAL A 21 21.40 -5.96 -14.91
N LEU A 22 20.44 -5.73 -14.02
CA LEU A 22 19.04 -5.81 -14.38
C LEU A 22 18.66 -4.74 -15.40
N ALA A 23 19.17 -3.53 -15.21
CA ALA A 23 18.86 -2.46 -16.14
C ALA A 23 19.42 -2.77 -17.52
N GLU A 24 20.64 -3.30 -17.57
CA GLU A 24 21.25 -3.61 -18.86
C GLU A 24 20.46 -4.67 -19.61
N LYS A 25 19.89 -5.63 -18.86
CA LYS A 25 19.10 -6.69 -19.49
C LYS A 25 17.92 -6.07 -20.22
N ALA A 26 17.40 -4.97 -19.68
CA ALA A 26 16.25 -4.30 -20.29
C ALA A 26 16.57 -3.45 -21.51
N VAL A 27 17.74 -2.82 -21.54
CA VAL A 27 18.07 -1.96 -22.67
C VAL A 27 19.04 -2.55 -23.68
N GLN A 28 19.34 -3.83 -23.53
CA GLN A 28 20.23 -4.49 -24.46
C GLN A 28 19.69 -4.35 -25.88
N GLY A 29 20.53 -3.89 -26.80
CA GLY A 29 20.10 -3.75 -28.17
C GLY A 29 19.45 -2.42 -28.49
N PHE A 30 19.26 -1.59 -27.47
CA PHE A 30 18.64 -0.27 -27.64
C PHE A 30 19.66 0.86 -27.71
N ASP A 31 20.90 0.59 -27.34
CA ASP A 31 21.93 1.61 -27.35
C ASP A 31 21.37 2.82 -26.59
N ALA A 32 21.00 2.60 -25.33
CA ALA A 32 20.43 3.64 -24.49
C ALA A 32 21.48 4.54 -23.86
N GLU A 33 21.04 5.71 -23.39
CA GLU A 33 21.94 6.65 -22.72
C GLU A 33 21.93 6.29 -21.25
N HIS A 34 23.11 6.10 -20.68
CA HIS A 34 23.21 5.76 -19.27
C HIS A 34 23.60 6.98 -18.45
N ILE A 35 22.69 7.42 -17.58
CA ILE A 35 22.94 8.56 -16.73
C ILE A 35 23.13 8.08 -15.29
N TYR A 36 24.32 8.27 -14.75
CA TYR A 36 24.61 7.87 -13.37
C TYR A 36 24.61 9.11 -12.45
N LEU A 37 23.52 9.30 -11.71
CA LEU A 37 23.39 10.44 -10.81
C LEU A 37 24.51 10.54 -9.76
N ASP A 61 25.89 18.63 -12.17
CA ASP A 61 25.48 18.68 -13.57
C ASP A 61 23.99 18.38 -13.70
N TYR A 62 23.21 18.82 -12.71
CA TYR A 62 21.76 18.61 -12.72
C TYR A 62 21.10 19.16 -13.98
N ASP A 63 21.42 20.40 -14.33
CA ASP A 63 20.82 21.01 -15.53
C ASP A 63 21.16 20.22 -16.79
N SER A 64 22.40 19.73 -16.86
CA SER A 64 22.83 18.95 -18.01
C SER A 64 22.02 17.66 -18.08
N ILE A 65 21.75 17.06 -16.91
CA ILE A 65 20.99 15.81 -16.85
C ILE A 65 19.56 16.03 -17.31
N ILE A 66 18.96 17.13 -16.88
CA ILE A 66 17.59 17.44 -17.28
C ILE A 66 17.48 17.61 -18.81
N GLU A 67 18.47 18.26 -19.42
CA GLU A 67 18.47 18.44 -20.87
C GLU A 67 18.57 17.09 -21.58
N ARG A 68 19.43 16.23 -21.08
CA ARG A 68 19.58 14.92 -21.71
C ARG A 68 18.29 14.09 -21.60
N ILE A 69 17.65 14.08 -20.44
CA ILE A 69 16.43 13.27 -20.31
C ILE A 69 15.26 13.85 -21.11
N LEU A 70 15.21 15.17 -21.23
CA LEU A 70 14.14 15.79 -21.99
C LEU A 70 14.14 15.39 -23.46
N GLN A 71 15.26 14.87 -23.94
CA GLN A 71 15.37 14.45 -25.33
C GLN A 71 15.01 12.99 -25.58
N CYS A 72 14.77 12.25 -24.51
CA CYS A 72 14.44 10.83 -24.60
C CYS A 72 12.95 10.60 -24.38
N HIS A 73 12.31 9.73 -25.18
CA HIS A 73 10.90 9.51 -24.97
C HIS A 73 10.61 8.39 -23.98
N ILE A 74 11.61 7.55 -23.68
CA ILE A 74 11.47 6.47 -22.70
C ILE A 74 12.49 6.69 -21.59
N LEU A 75 12.02 6.70 -20.35
CA LEU A 75 12.89 6.90 -19.19
C LEU A 75 12.78 5.71 -18.27
N ILE A 76 13.92 5.12 -17.93
CA ILE A 76 13.97 3.97 -17.03
C ILE A 76 14.68 4.43 -15.77
N PHE A 77 13.93 4.42 -14.66
CA PHE A 77 14.47 4.82 -13.38
C PHE A 77 14.95 3.56 -12.71
N ALA A 78 16.26 3.45 -12.56
CA ALA A 78 16.89 2.26 -11.98
C ALA A 78 17.52 2.62 -10.64
N THR A 79 17.07 1.94 -9.59
CA THR A 79 17.61 2.27 -8.28
C THR A 79 17.70 1.09 -7.34
N PRO A 80 18.74 1.09 -6.49
CA PRO A 80 18.83 -0.01 -5.55
C PRO A 80 17.76 0.40 -4.54
N ILE A 81 17.29 -0.54 -3.73
CA ILE A 81 16.28 -0.19 -2.76
C ILE A 81 16.98 0.04 -1.43
N TYR A 82 16.83 1.24 -0.89
CA TYR A 82 17.38 1.58 0.41
C TYR A 82 16.23 1.88 1.35
N TRP A 83 16.15 1.15 2.45
CA TRP A 83 15.12 1.39 3.43
C TRP A 83 13.73 1.46 2.83
N PHE A 84 13.47 0.47 1.96
CA PHE A 84 12.18 0.31 1.31
C PHE A 84 11.81 1.48 0.45
N GLY A 85 12.81 2.20 -0.02
CA GLY A 85 12.57 3.36 -0.85
C GLY A 85 13.64 3.44 -1.92
N MET A 86 13.72 4.56 -2.61
CA MET A 86 14.74 4.67 -3.64
C MET A 86 16.08 5.07 -3.02
N SER A 87 17.12 5.23 -3.83
CA SER A 87 18.39 5.66 -3.26
C SER A 87 18.27 7.13 -2.86
N GLY A 88 19.15 7.58 -1.96
CA GLY A 88 19.13 8.98 -1.56
C GLY A 88 19.45 9.87 -2.75
N THR A 89 20.31 9.38 -3.63
CA THR A 89 20.68 10.15 -4.80
C THR A 89 19.50 10.38 -5.75
N LEU A 90 18.71 9.33 -5.99
CA LEU A 90 17.55 9.48 -6.86
C LEU A 90 16.50 10.35 -6.17
N LYS A 91 16.36 10.19 -4.87
CA LYS A 91 15.40 11.00 -4.11
C LYS A 91 15.74 12.49 -4.26
N LEU A 92 17.01 12.85 -4.06
CA LEU A 92 17.40 14.26 -4.19
C LEU A 92 17.16 14.81 -5.60
N PHE A 93 17.33 13.95 -6.61
CA PHE A 93 17.14 14.33 -8.02
C PHE A 93 15.67 14.60 -8.35
N ILE A 94 14.79 13.66 -7.99
CA ILE A 94 13.37 13.88 -8.24
C ILE A 94 12.85 15.06 -7.40
N ASP A 95 13.35 15.22 -6.18
CA ASP A 95 12.88 16.33 -5.34
C ASP A 95 13.18 17.65 -6.04
N ARG A 96 14.31 17.72 -6.71
CA ARG A 96 14.71 18.94 -7.39
C ARG A 96 13.78 19.29 -8.56
N TRP A 97 12.96 18.35 -9.00
CA TRP A 97 12.01 18.63 -10.08
C TRP A 97 11.09 19.78 -9.65
N SER A 98 10.94 19.95 -8.34
CA SER A 98 10.11 21.03 -7.83
C SER A 98 10.71 22.37 -8.27
N GLN A 99 12.04 22.44 -8.29
CA GLN A 99 12.71 23.66 -8.70
C GLN A 99 12.55 23.81 -10.20
N THR A 100 12.68 22.69 -10.92
CA THR A 100 12.58 22.75 -12.38
C THR A 100 11.19 23.13 -12.85
N LEU A 101 10.16 22.73 -12.10
CA LEU A 101 8.78 23.07 -12.47
C LEU A 101 8.54 24.59 -12.40
N ARG A 102 9.46 25.32 -11.79
CA ARG A 102 9.32 26.77 -11.67
C ARG A 102 10.52 27.49 -12.29
N ASP A 103 11.37 26.73 -12.98
CA ASP A 103 12.59 27.28 -13.59
C ASP A 103 12.30 27.89 -14.97
N PRO A 104 12.47 29.22 -15.12
CA PRO A 104 12.20 29.82 -16.43
C PRO A 104 13.07 29.31 -17.58
N ARG A 105 14.20 28.69 -17.27
CA ARG A 105 15.05 28.15 -18.33
C ARG A 105 14.47 26.87 -18.93
N PHE A 106 13.53 26.24 -18.21
CA PHE A 106 12.86 25.01 -18.66
C PHE A 106 11.35 25.23 -18.57
N PRO A 107 10.83 26.24 -19.28
CA PRO A 107 9.39 26.55 -19.25
C PRO A 107 8.39 25.45 -19.62
N ASP A 108 8.83 24.45 -20.36
CA ASP A 108 7.91 23.39 -20.78
C ASP A 108 8.22 22.04 -20.16
N PHE A 109 8.96 22.06 -19.05
CA PHE A 109 9.36 20.83 -18.37
C PHE A 109 8.20 19.86 -18.12
N LYS A 110 7.15 20.34 -17.47
CA LYS A 110 6.04 19.45 -17.17
C LYS A 110 5.42 18.86 -18.42
N GLN A 111 5.12 19.71 -19.40
CA GLN A 111 4.52 19.26 -20.64
C GLN A 111 5.42 18.26 -21.36
N GLN A 112 6.72 18.53 -21.42
CA GLN A 112 7.65 17.63 -22.09
C GLN A 112 7.67 16.26 -21.41
N MET A 113 7.69 16.26 -20.09
CA MET A 113 7.72 14.99 -19.36
C MET A 113 6.45 14.16 -19.54
N SER A 114 5.30 14.84 -19.55
CA SER A 114 4.02 14.16 -19.67
C SER A 114 3.87 13.25 -20.87
N VAL A 115 4.58 13.52 -21.96
CA VAL A 115 4.45 12.65 -23.12
C VAL A 115 5.44 11.49 -23.13
N LYS A 116 6.23 11.35 -22.06
CA LYS A 116 7.21 10.26 -21.98
C LYS A 116 6.66 9.00 -21.30
N GLN A 117 7.26 7.85 -21.60
CA GLN A 117 6.88 6.58 -21.00
C GLN A 117 7.91 6.25 -19.93
N ALA A 118 7.45 5.96 -18.71
CA ALA A 118 8.34 5.64 -17.60
C ALA A 118 8.30 4.19 -17.16
N TYR A 119 9.47 3.67 -16.76
CA TYR A 119 9.63 2.30 -16.26
C TYR A 119 10.50 2.39 -15.02
N VAL A 120 10.38 1.41 -14.12
CA VAL A 120 11.17 1.39 -12.91
C VAL A 120 11.82 0.03 -12.76
N ILE A 121 13.10 0.03 -12.39
CA ILE A 121 13.83 -1.19 -12.12
C ILE A 121 14.42 -0.95 -10.73
N ALA A 122 14.06 -1.79 -9.77
CA ALA A 122 14.53 -1.61 -8.39
C ALA A 122 14.97 -2.94 -7.78
N VAL A 123 16.16 -2.94 -7.20
CA VAL A 123 16.72 -4.17 -6.63
C VAL A 123 17.16 -4.01 -5.18
N GLY A 124 16.87 -5.03 -4.37
CA GLY A 124 17.26 -4.98 -2.96
C GLY A 124 17.35 -6.36 -2.37
N GLY A 125 17.86 -6.46 -1.15
CA GLY A 125 18.00 -7.76 -0.54
C GLY A 125 17.02 -8.10 0.57
N ASP A 126 15.97 -7.29 0.74
CA ASP A 126 14.99 -7.58 1.80
C ASP A 126 13.59 -7.78 1.25
N ASN A 127 13.36 -8.99 0.73
CA ASN A 127 12.10 -9.40 0.10
C ASN A 127 11.48 -8.23 -0.68
N PRO A 128 12.26 -7.65 -1.60
CA PRO A 128 11.82 -6.52 -2.41
C PRO A 128 10.55 -6.68 -3.24
N LYS A 129 10.28 -7.87 -3.74
CA LYS A 129 9.08 -8.00 -4.58
C LYS A 129 7.82 -7.73 -3.79
N ILE A 130 7.91 -7.93 -2.49
CA ILE A 130 6.78 -7.69 -1.63
C ILE A 130 6.94 -6.38 -0.84
N LYS A 131 8.07 -6.22 -0.18
CA LYS A 131 8.31 -5.03 0.64
C LYS A 131 8.61 -3.77 -0.16
N GLY A 132 8.83 -3.93 -1.46
CA GLY A 132 9.08 -2.75 -2.28
C GLY A 132 7.81 -2.20 -2.92
N LEU A 133 6.65 -2.77 -2.60
CA LEU A 133 5.43 -2.30 -3.23
C LEU A 133 5.08 -0.85 -2.88
N PRO A 134 5.31 -0.41 -1.62
CA PRO A 134 4.98 1.00 -1.35
C PRO A 134 5.80 1.92 -2.27
N LEU A 135 7.06 1.55 -2.53
CA LEU A 135 7.92 2.34 -3.40
C LEU A 135 7.34 2.39 -4.83
N ILE A 136 6.81 1.28 -5.31
CA ILE A 136 6.23 1.26 -6.65
C ILE A 136 5.01 2.19 -6.67
N GLN A 137 4.24 2.19 -5.58
CA GLN A 137 3.07 3.06 -5.50
C GLN A 137 3.47 4.52 -5.48
N GLN A 138 4.58 4.83 -4.82
CA GLN A 138 5.06 6.20 -4.80
C GLN A 138 5.42 6.62 -6.23
N PHE A 139 6.14 5.75 -6.95
CA PHE A 139 6.53 6.06 -8.33
C PHE A 139 5.28 6.30 -9.17
N GLU A 140 4.26 5.47 -8.95
CA GLU A 140 3.02 5.62 -9.70
C GLU A 140 2.43 7.02 -9.44
N HIS A 141 2.48 7.49 -8.18
CA HIS A 141 1.95 8.82 -7.87
C HIS A 141 2.81 9.91 -8.49
N ILE A 142 4.12 9.72 -8.45
CA ILE A 142 5.06 10.67 -9.04
C ILE A 142 4.79 10.80 -10.54
N PHE A 143 4.72 9.66 -11.23
CA PHE A 143 4.47 9.70 -12.67
C PHE A 143 3.10 10.26 -13.02
N HIS A 144 2.08 9.86 -12.26
CA HIS A 144 0.72 10.34 -12.49
C HIS A 144 0.65 11.85 -12.33
N PHE A 145 1.38 12.38 -11.34
CA PHE A 145 1.38 13.82 -11.09
C PHE A 145 1.96 14.57 -12.29
N MET A 146 2.96 13.96 -12.94
CA MET A 146 3.61 14.54 -14.11
C MET A 146 2.88 14.23 -15.41
N GLY A 147 1.87 13.36 -15.34
CA GLY A 147 1.11 12.98 -16.52
C GLY A 147 1.84 11.93 -17.32
N MET A 148 2.90 11.36 -16.75
CA MET A 148 3.68 10.36 -17.45
C MET A 148 3.05 8.99 -17.33
N SER A 149 3.07 8.23 -18.42
CA SER A 149 2.53 6.87 -18.43
C SER A 149 3.53 5.92 -17.74
N PHE A 150 3.08 5.25 -16.68
CA PHE A 150 3.94 4.30 -15.95
C PHE A 150 3.74 2.95 -16.63
N LYS A 151 4.61 2.66 -17.60
CA LYS A 151 4.48 1.46 -18.42
C LYS A 151 4.87 0.11 -17.85
N GLY A 152 5.70 0.07 -16.81
CA GLY A 152 6.08 -1.22 -16.27
C GLY A 152 7.19 -1.09 -15.24
N TYR A 153 7.36 -2.13 -14.44
CA TYR A 153 8.41 -2.11 -13.44
C TYR A 153 8.88 -3.52 -13.15
N VAL A 154 10.07 -3.62 -12.60
CA VAL A 154 10.64 -4.90 -12.21
C VAL A 154 11.30 -4.73 -10.85
N LEU A 155 10.93 -5.57 -9.91
CA LEU A 155 11.53 -5.58 -8.59
C LEU A 155 12.38 -6.83 -8.59
N GLY A 156 13.68 -6.67 -8.30
CA GLY A 156 14.57 -7.83 -8.31
C GLY A 156 15.20 -8.08 -6.95
N GLU A 157 15.56 -9.33 -6.67
CA GLU A 157 16.15 -9.70 -5.39
C GLU A 157 17.66 -9.88 -5.52
N GLY A 158 18.39 -9.21 -4.63
CA GLY A 158 19.84 -9.28 -4.62
C GLY A 158 20.43 -8.66 -3.38
N ASN A 159 21.20 -9.44 -2.63
CA ASN A 159 21.82 -8.96 -1.40
C ASN A 159 23.27 -8.54 -1.66
N ARG A 160 24.02 -9.40 -2.33
CA ARG A 160 25.42 -9.12 -2.64
C ARG A 160 25.63 -9.09 -4.15
N PRO A 161 26.72 -8.46 -4.61
CA PRO A 161 26.96 -8.40 -6.05
C PRO A 161 26.82 -9.79 -6.69
N GLY A 162 26.16 -9.83 -7.84
CA GLY A 162 25.96 -11.10 -8.53
C GLY A 162 24.72 -11.89 -8.16
N ASP A 163 24.17 -11.64 -6.98
CA ASP A 163 22.97 -12.36 -6.55
C ASP A 163 21.80 -12.23 -7.50
N ILE A 164 21.74 -11.11 -8.21
CA ILE A 164 20.59 -10.90 -9.09
C ILE A 164 20.49 -11.94 -10.20
N LEU A 165 21.60 -12.58 -10.56
CA LEU A 165 21.54 -13.58 -11.62
C LEU A 165 20.77 -14.83 -11.21
N ARG A 166 20.46 -14.97 -9.92
CA ARG A 166 19.69 -16.11 -9.44
C ARG A 166 18.18 -15.80 -9.53
N ASP A 167 17.83 -14.53 -9.71
CA ASP A 167 16.42 -14.12 -9.78
C ASP A 167 15.95 -14.22 -11.23
N HIS A 168 15.67 -15.44 -11.66
CA HIS A 168 15.25 -15.65 -13.04
C HIS A 168 13.96 -14.94 -13.42
N GLN A 169 13.02 -14.81 -12.49
CA GLN A 169 11.78 -14.13 -12.80
C GLN A 169 12.12 -12.67 -13.14
N ALA A 170 12.97 -12.04 -12.34
CA ALA A 170 13.30 -10.64 -12.61
C ALA A 170 14.11 -10.44 -13.90
N LEU A 171 15.02 -11.35 -14.18
CA LEU A 171 15.85 -11.25 -15.38
C LEU A 171 15.00 -11.34 -16.63
N SER A 172 14.02 -12.25 -16.59
CA SER A 172 13.12 -12.46 -17.71
C SER A 172 12.23 -11.22 -17.91
N ALA A 173 11.66 -10.72 -16.80
CA ALA A 173 10.81 -9.54 -16.87
C ALA A 173 11.58 -8.32 -17.39
N ALA A 174 12.82 -8.16 -16.96
CA ALA A 174 13.62 -7.05 -17.43
C ALA A 174 13.95 -7.24 -18.91
N SER A 175 14.25 -8.48 -19.30
CA SER A 175 14.59 -8.78 -20.69
C SER A 175 13.46 -8.33 -21.65
N ARG A 176 12.22 -8.56 -21.25
CA ARG A 176 11.06 -8.20 -22.06
C ARG A 176 10.41 -6.85 -21.77
N LEU A 177 10.94 -6.14 -20.78
CA LEU A 177 10.36 -4.86 -20.37
C LEU A 177 10.00 -3.90 -21.49
N LEU A 178 10.90 -3.70 -22.44
CA LEU A 178 10.66 -2.76 -23.53
C LEU A 178 10.21 -3.43 -24.84
N LYS A 179 10.07 -4.75 -24.84
CA LYS A 179 9.68 -5.46 -26.05
C LYS A 179 8.17 -5.47 -26.29
N ARG A 180 7.78 -5.28 -27.54
CA ARG A 180 6.36 -5.29 -27.89
C ARG A 180 6.00 -6.42 -28.84
N SER A 181 6.95 -7.34 -29.02
CA SER A 181 6.76 -8.53 -29.85
C SER A 181 7.14 -9.69 -28.92
N ASP A 182 6.95 -10.92 -29.37
CA ASP A 182 7.27 -12.06 -28.51
C ASP A 182 8.29 -13.06 -29.04
N ALA A 183 7.81 -14.06 -29.77
CA ALA A 183 8.69 -15.09 -30.33
C ALA A 183 8.09 -15.69 -31.59
N LYS B 5 -31.07 11.00 4.01
CA LYS B 5 -29.91 11.78 3.51
C LYS B 5 -28.59 11.03 3.65
N ILE B 6 -28.38 10.41 4.81
CA ILE B 6 -27.16 9.65 5.07
C ILE B 6 -27.48 8.18 5.35
N ALA B 7 -26.70 7.29 4.75
CA ALA B 7 -26.91 5.88 4.99
C ALA B 7 -25.65 5.29 5.58
N VAL B 8 -25.81 4.53 6.65
CA VAL B 8 -24.66 3.83 7.22
C VAL B 8 -24.91 2.39 6.78
N ILE B 9 -24.01 1.88 5.94
CA ILE B 9 -24.07 0.52 5.45
C ILE B 9 -23.22 -0.28 6.42
N ASN B 10 -23.89 -0.95 7.34
N ASN B 10 -23.90 -0.96 7.34
CA ASN B 10 -23.19 -1.74 8.34
CA ASN B 10 -23.28 -1.79 8.37
C ASN B 10 -22.93 -3.17 7.87
C ASN B 10 -22.93 -3.20 7.87
N GLY B 11 -21.65 -3.50 7.76
CA GLY B 11 -21.24 -4.81 7.30
C GLY B 11 -20.91 -5.85 8.36
N GLY B 12 -21.10 -5.51 9.63
CA GLY B 12 -20.80 -6.48 10.68
C GLY B 12 -22.05 -7.22 11.13
N THR B 13 -22.29 -7.22 12.44
CA THR B 13 -23.48 -7.87 12.99
C THR B 13 -24.13 -6.92 13.99
N ARG B 14 -25.29 -6.38 13.61
CA ARG B 14 -26.01 -5.44 14.47
C ARG B 14 -26.02 -5.94 15.92
N SER B 15 -25.20 -5.33 16.76
CA SER B 15 -25.13 -5.74 18.15
C SER B 15 -24.26 -4.84 19.03
N GLY B 16 -24.32 -3.53 18.79
CA GLY B 16 -23.53 -2.60 19.59
C GLY B 16 -22.04 -2.89 19.54
N GLY B 17 -21.59 -3.46 18.42
CA GLY B 17 -20.19 -3.77 18.23
C GLY B 17 -19.37 -2.50 18.05
N ASN B 18 -18.04 -2.63 18.10
CA ASN B 18 -17.18 -1.46 17.95
C ASN B 18 -17.37 -0.67 16.66
N THR B 19 -17.57 -1.36 15.53
CA THR B 19 -17.73 -0.66 14.27
C THR B 19 -19.04 0.15 14.29
N ASP B 20 -20.09 -0.47 14.77
CA ASP B 20 -21.39 0.19 14.87
C ASP B 20 -21.27 1.46 15.73
N VAL B 21 -20.62 1.31 16.87
CA VAL B 21 -20.42 2.43 17.80
C VAL B 21 -19.62 3.57 17.16
N LEU B 22 -18.54 3.23 16.48
CA LEU B 22 -17.71 4.25 15.85
C LEU B 22 -18.49 4.95 14.73
N ALA B 23 -19.31 4.21 14.01
CA ALA B 23 -20.08 4.83 12.93
C ALA B 23 -21.15 5.74 13.57
N GLU B 24 -21.71 5.32 14.70
CA GLU B 24 -22.71 6.15 15.35
C GLU B 24 -22.07 7.46 15.81
N LYS B 25 -20.80 7.41 16.21
CA LYS B 25 -20.11 8.62 16.65
C LYS B 25 -20.05 9.62 15.50
N ALA B 26 -19.78 9.12 14.29
CA ALA B 26 -19.69 9.98 13.13
C ALA B 26 -21.03 10.58 12.75
N VAL B 27 -22.11 9.82 12.88
CA VAL B 27 -23.42 10.33 12.47
C VAL B 27 -24.31 10.90 13.57
N GLN B 28 -23.75 11.09 14.76
CA GLN B 28 -24.56 11.62 15.85
C GLN B 28 -25.13 12.98 15.47
N GLY B 29 -26.43 13.14 15.68
CA GLY B 29 -27.08 14.41 15.34
C GLY B 29 -27.54 14.47 13.90
N PHE B 30 -27.19 13.48 13.10
CA PHE B 30 -27.59 13.48 11.69
C PHE B 30 -28.84 12.65 11.41
N ASP B 31 -29.23 11.80 12.35
CA ASP B 31 -30.38 10.93 12.16
C ASP B 31 -30.25 10.19 10.83
N ALA B 32 -29.20 9.38 10.74
CA ALA B 32 -28.90 8.60 9.56
C ALA B 32 -29.75 7.34 9.48
N GLU B 33 -29.78 6.77 8.29
CA GLU B 33 -30.49 5.52 8.06
C GLU B 33 -29.45 4.44 8.22
N HIS B 34 -29.74 3.44 9.05
CA HIS B 34 -28.84 2.33 9.27
C HIS B 34 -29.31 1.13 8.47
N ILE B 35 -28.46 0.67 7.56
CA ILE B 35 -28.76 -0.47 6.73
C ILE B 35 -27.84 -1.59 7.17
N TYR B 36 -28.41 -2.68 7.68
CA TYR B 36 -27.62 -3.81 8.15
C TYR B 36 -27.60 -4.93 7.11
N LEU B 37 -26.43 -5.16 6.53
CA LEU B 37 -26.28 -6.18 5.50
C LEU B 37 -26.52 -7.59 6.03
N GLN B 38 -25.93 -7.86 7.19
CA GLN B 38 -26.05 -9.18 7.80
C GLN B 38 -27.31 -9.28 8.67
N ASP B 61 -32.71 -9.50 0.75
CA ASP B 61 -33.24 -8.13 0.67
C ASP B 61 -32.23 -7.20 -0.03
N TYR B 62 -31.36 -7.80 -0.83
CA TYR B 62 -30.34 -7.04 -1.56
C TYR B 62 -30.94 -5.90 -2.38
N ASP B 63 -31.98 -6.20 -3.15
CA ASP B 63 -32.61 -5.18 -3.97
C ASP B 63 -33.16 -3.99 -3.18
N SER B 64 -33.75 -4.26 -2.02
CA SER B 64 -34.30 -3.20 -1.18
C SER B 64 -33.17 -2.32 -0.65
N ILE B 65 -32.06 -2.97 -0.33
CA ILE B 65 -30.92 -2.23 0.18
C ILE B 65 -30.41 -1.29 -0.90
N ILE B 66 -30.25 -1.79 -2.12
CA ILE B 66 -29.78 -0.96 -3.21
C ILE B 66 -30.75 0.21 -3.41
N GLU B 67 -32.05 -0.07 -3.38
CA GLU B 67 -33.04 0.98 -3.56
C GLU B 67 -32.88 2.07 -2.50
N ARG B 68 -32.66 1.64 -1.26
CA ARG B 68 -32.50 2.57 -0.15
C ARG B 68 -31.24 3.43 -0.23
N ILE B 69 -30.10 2.82 -0.58
CA ILE B 69 -28.89 3.62 -0.63
C ILE B 69 -28.88 4.62 -1.78
N LEU B 70 -29.52 4.28 -2.90
CA LEU B 70 -29.56 5.19 -4.05
C LEU B 70 -30.24 6.50 -3.69
N GLN B 71 -31.03 6.48 -2.63
CA GLN B 71 -31.73 7.68 -2.18
C GLN B 71 -30.93 8.53 -1.19
N CYS B 72 -29.72 8.09 -0.85
CA CYS B 72 -28.90 8.83 0.10
C CYS B 72 -27.70 9.48 -0.56
N HIS B 73 -27.43 10.73 -0.20
CA HIS B 73 -26.32 11.47 -0.78
C HIS B 73 -24.97 11.08 -0.19
N ILE B 74 -24.97 10.72 1.08
CA ILE B 74 -23.74 10.32 1.77
C ILE B 74 -23.85 8.86 2.17
N LEU B 75 -22.82 8.08 1.86
CA LEU B 75 -22.82 6.67 2.22
C LEU B 75 -21.62 6.39 3.09
N ILE B 76 -21.86 5.82 4.26
CA ILE B 76 -20.77 5.46 5.16
C ILE B 76 -20.68 3.95 5.20
N PHE B 77 -19.58 3.41 4.69
CA PHE B 77 -19.38 1.96 4.68
C PHE B 77 -18.70 1.63 5.98
N ALA B 78 -19.42 0.96 6.87
CA ALA B 78 -18.87 0.60 8.18
C ALA B 78 -18.67 -0.91 8.23
N THR B 79 -17.44 -1.32 8.45
CA THR B 79 -17.15 -2.74 8.49
C THR B 79 -16.09 -3.15 9.48
N PRO B 80 -16.27 -4.29 10.16
CA PRO B 80 -15.21 -4.69 11.08
C PRO B 80 -14.09 -5.14 10.12
N ILE B 81 -12.86 -5.16 10.61
CA ILE B 81 -11.75 -5.61 9.77
C ILE B 81 -11.50 -7.10 10.02
N TYR B 82 -11.67 -7.91 8.97
CA TYR B 82 -11.41 -9.33 9.07
C TYR B 82 -10.26 -9.62 8.12
N TRP B 83 -9.21 -10.21 8.66
CA TRP B 83 -8.06 -10.58 7.83
C TRP B 83 -7.58 -9.42 6.94
N PHE B 84 -7.41 -8.26 7.59
CA PHE B 84 -6.89 -7.07 6.92
C PHE B 84 -7.73 -6.57 5.75
N GLY B 85 -9.00 -6.95 5.77
CA GLY B 85 -9.92 -6.52 4.73
C GLY B 85 -11.28 -6.30 5.35
N MET B 86 -12.29 -6.22 4.49
N MET B 86 -12.30 -6.22 4.50
CA MET B 86 -13.66 -6.00 4.93
CA MET B 86 -13.63 -6.00 5.03
C MET B 86 -14.29 -7.30 5.43
C MET B 86 -14.27 -7.30 5.47
N SER B 87 -15.53 -7.21 5.89
CA SER B 87 -16.24 -8.39 6.35
C SER B 87 -16.65 -9.18 5.11
N GLY B 88 -16.90 -10.47 5.28
CA GLY B 88 -17.33 -11.26 4.13
C GLY B 88 -18.68 -10.74 3.66
N THR B 89 -19.50 -10.32 4.61
CA THR B 89 -20.82 -9.78 4.26
C THR B 89 -20.69 -8.55 3.35
N LEU B 90 -19.81 -7.61 3.70
CA LEU B 90 -19.66 -6.44 2.86
C LEU B 90 -19.02 -6.82 1.51
N LYS B 91 -18.12 -7.79 1.51
CA LYS B 91 -17.48 -8.20 0.27
C LYS B 91 -18.52 -8.78 -0.71
N LEU B 92 -19.42 -9.63 -0.21
CA LEU B 92 -20.44 -10.21 -1.09
C LEU B 92 -21.39 -9.14 -1.60
N PHE B 93 -21.61 -8.13 -0.76
CA PHE B 93 -22.47 -7.02 -1.12
C PHE B 93 -21.87 -6.22 -2.28
N ILE B 94 -20.64 -5.72 -2.10
CA ILE B 94 -20.02 -4.94 -3.17
C ILE B 94 -19.83 -5.80 -4.44
N ASP B 95 -19.45 -7.07 -4.27
CA ASP B 95 -19.26 -7.91 -5.43
C ASP B 95 -20.53 -7.97 -6.28
N ARG B 96 -21.70 -7.97 -5.62
CA ARG B 96 -22.93 -8.05 -6.38
C ARG B 96 -23.24 -6.80 -7.20
N TRP B 97 -22.47 -5.73 -6.98
CA TRP B 97 -22.69 -4.51 -7.75
C TRP B 97 -22.45 -4.80 -9.22
N SER B 98 -21.67 -5.85 -9.50
CA SER B 98 -21.38 -6.23 -10.87
C SER B 98 -22.69 -6.64 -11.56
N GLN B 99 -23.59 -7.24 -10.79
CA GLN B 99 -24.89 -7.68 -11.33
C GLN B 99 -25.78 -6.46 -11.50
N THR B 100 -25.74 -5.57 -10.52
CA THR B 100 -26.55 -4.36 -10.55
C THR B 100 -26.13 -3.41 -11.67
N LEU B 101 -24.86 -3.42 -12.03
CA LEU B 101 -24.39 -2.57 -13.11
C LEU B 101 -25.01 -2.97 -14.45
N ARG B 102 -25.66 -4.13 -14.48
CA ARG B 102 -26.30 -4.62 -15.71
C ARG B 102 -27.78 -4.96 -15.49
N ASP B 103 -28.33 -4.56 -14.34
CA ASP B 103 -29.73 -4.84 -13.99
C ASP B 103 -30.64 -3.77 -14.62
N PRO B 104 -31.57 -4.18 -15.50
CA PRO B 104 -32.45 -3.17 -16.12
C PRO B 104 -33.40 -2.46 -15.16
N ARG B 105 -33.56 -2.99 -13.95
CA ARG B 105 -34.43 -2.36 -12.96
C ARG B 105 -33.73 -1.17 -12.31
N PHE B 106 -32.40 -1.14 -12.39
CA PHE B 106 -31.58 -0.05 -11.84
C PHE B 106 -30.67 0.49 -12.94
N PRO B 107 -31.26 0.99 -14.04
CA PRO B 107 -30.49 1.53 -15.17
C PRO B 107 -29.54 2.67 -14.88
N ASP B 108 -29.81 3.43 -13.82
CA ASP B 108 -28.93 4.55 -13.53
C ASP B 108 -28.06 4.34 -12.29
N PHE B 109 -27.90 3.09 -11.90
CA PHE B 109 -27.11 2.77 -10.72
C PHE B 109 -25.73 3.43 -10.69
N LYS B 110 -24.93 3.24 -11.72
CA LYS B 110 -23.60 3.83 -11.69
C LYS B 110 -23.64 5.36 -11.70
N GLN B 111 -24.54 5.94 -12.49
CA GLN B 111 -24.66 7.40 -12.55
C GLN B 111 -25.06 7.94 -11.18
N GLN B 112 -26.06 7.32 -10.57
CA GLN B 112 -26.52 7.75 -9.26
C GLN B 112 -25.40 7.64 -8.22
N MET B 113 -24.67 6.53 -8.24
CA MET B 113 -23.59 6.36 -7.26
C MET B 113 -22.46 7.39 -7.39
N SER B 114 -22.12 7.74 -8.63
CA SER B 114 -21.05 8.69 -8.88
C SER B 114 -21.22 10.08 -8.27
N VAL B 115 -22.44 10.47 -7.92
CA VAL B 115 -22.63 11.79 -7.34
C VAL B 115 -22.68 11.75 -5.82
N LYS B 116 -22.48 10.56 -5.25
CA LYS B 116 -22.52 10.39 -3.82
C LYS B 116 -21.13 10.57 -3.19
N GLN B 117 -21.12 10.93 -1.92
CA GLN B 117 -19.86 11.11 -1.18
C GLN B 117 -19.77 9.85 -0.31
N ALA B 118 -18.61 9.21 -0.30
CA ALA B 118 -18.45 7.98 0.49
C ALA B 118 -17.42 8.12 1.60
N TYR B 119 -17.67 7.41 2.70
CA TYR B 119 -16.76 7.42 3.84
C TYR B 119 -16.58 5.97 4.27
N VAL B 120 -15.50 5.67 4.98
CA VAL B 120 -15.26 4.33 5.45
C VAL B 120 -14.94 4.41 6.95
N ILE B 121 -15.53 3.50 7.71
CA ILE B 121 -15.28 3.39 9.16
C ILE B 121 -15.00 1.92 9.36
N ALA B 122 -13.83 1.59 9.88
CA ALA B 122 -13.46 0.17 10.06
C ALA B 122 -12.70 -0.01 11.37
N VAL B 123 -13.07 -1.05 12.11
CA VAL B 123 -12.44 -1.30 13.41
C VAL B 123 -11.93 -2.73 13.48
N GLY B 124 -10.74 -2.89 14.04
CA GLY B 124 -10.15 -4.21 14.21
C GLY B 124 -9.25 -4.26 15.43
N GLY B 125 -8.78 -5.46 15.80
CA GLY B 125 -7.93 -5.55 16.98
C GLY B 125 -6.44 -5.79 16.72
N ASP B 126 -6.03 -5.86 15.46
CA ASP B 126 -4.63 -6.11 15.10
C ASP B 126 -3.99 -4.88 14.40
N ASN B 127 -3.52 -3.93 15.23
CA ASN B 127 -2.91 -2.65 14.79
C ASN B 127 -3.58 -2.15 13.50
N PRO B 128 -4.91 -2.00 13.52
CA PRO B 128 -5.65 -1.56 12.33
C PRO B 128 -5.28 -0.25 11.69
N LYS B 129 -4.86 0.72 12.48
CA LYS B 129 -4.55 2.03 11.89
C LYS B 129 -3.41 1.95 10.91
N ILE B 130 -2.56 0.96 11.08
CA ILE B 130 -1.43 0.76 10.18
C ILE B 130 -1.69 -0.41 9.23
N LYS B 131 -2.07 -1.57 9.78
CA LYS B 131 -2.30 -2.75 8.95
C LYS B 131 -3.59 -2.72 8.11
N GLY B 132 -4.44 -1.74 8.36
CA GLY B 132 -5.66 -1.64 7.57
C GLY B 132 -5.51 -0.70 6.37
N LEU B 133 -4.31 -0.17 6.12
CA LEU B 133 -4.14 0.76 5.00
C LEU B 133 -4.40 0.14 3.62
N PRO B 134 -4.01 -1.14 3.42
CA PRO B 134 -4.31 -1.71 2.09
C PRO B 134 -5.83 -1.72 1.87
N LEU B 135 -6.59 -2.02 2.91
CA LEU B 135 -8.06 -2.01 2.77
C LEU B 135 -8.56 -0.61 2.37
N ILE B 136 -7.96 0.42 2.94
CA ILE B 136 -8.35 1.77 2.60
C ILE B 136 -8.03 2.04 1.13
N GLN B 137 -6.89 1.53 0.66
CA GLN B 137 -6.52 1.72 -0.75
C GLN B 137 -7.50 0.95 -1.66
N GLN B 138 -7.96 -0.21 -1.19
N GLN B 138 -7.96 -0.22 -1.22
CA GLN B 138 -8.91 -1.01 -1.96
CA GLN B 138 -8.91 -0.97 -2.02
C GLN B 138 -10.21 -0.22 -2.12
C GLN B 138 -10.20 -0.16 -2.14
N PHE B 139 -10.67 0.41 -1.03
CA PHE B 139 -11.89 1.23 -1.07
C PHE B 139 -11.69 2.41 -2.00
N GLU B 140 -10.50 3.02 -1.95
CA GLU B 140 -10.20 4.15 -2.84
C GLU B 140 -10.38 3.70 -4.30
N HIS B 141 -9.90 2.51 -4.65
CA HIS B 141 -10.05 2.02 -6.03
C HIS B 141 -11.51 1.72 -6.38
N ILE B 142 -12.25 1.13 -5.44
CA ILE B 142 -13.67 0.81 -5.65
C ILE B 142 -14.44 2.10 -5.88
N PHE B 143 -14.23 3.08 -5.01
CA PHE B 143 -14.96 4.34 -5.18
C PHE B 143 -14.60 5.09 -6.45
N HIS B 144 -13.30 5.09 -6.78
CA HIS B 144 -12.83 5.76 -7.98
C HIS B 144 -13.47 5.13 -9.20
N PHE B 145 -13.54 3.80 -9.20
CA PHE B 145 -14.13 3.07 -10.32
C PHE B 145 -15.58 3.52 -10.52
N MET B 146 -16.30 3.68 -9.42
CA MET B 146 -17.70 4.11 -9.45
C MET B 146 -17.83 5.63 -9.67
N GLY B 147 -16.72 6.36 -9.57
CA GLY B 147 -16.76 7.80 -9.74
C GLY B 147 -17.18 8.54 -8.49
N MET B 148 -17.26 7.81 -7.38
CA MET B 148 -17.66 8.38 -6.09
C MET B 148 -16.51 9.09 -5.40
N SER B 149 -16.80 10.19 -4.71
CA SER B 149 -15.77 10.93 -4.00
C SER B 149 -15.51 10.24 -2.67
N PHE B 150 -14.27 9.85 -2.41
CA PHE B 150 -13.91 9.18 -1.14
C PHE B 150 -13.53 10.34 -0.21
N LYS B 151 -14.50 10.82 0.55
CA LYS B 151 -14.30 11.99 1.42
C LYS B 151 -13.55 11.82 2.74
N GLY B 152 -13.49 10.60 3.25
CA GLY B 152 -12.79 10.42 4.51
C GLY B 152 -12.93 9.01 5.06
N TYR B 153 -12.09 8.68 6.02
CA TYR B 153 -12.16 7.36 6.63
C TYR B 153 -11.58 7.41 8.04
N VAL B 154 -11.98 6.44 8.86
CA VAL B 154 -11.46 6.35 10.20
C VAL B 154 -11.22 4.89 10.47
N LEU B 155 -9.99 4.58 10.88
CA LEU B 155 -9.63 3.23 11.26
C LEU B 155 -9.56 3.29 12.78
N GLY B 156 -10.20 2.33 13.43
CA GLY B 156 -10.22 2.35 14.90
C GLY B 156 -9.77 1.02 15.49
N GLU B 157 -9.33 1.05 16.74
CA GLU B 157 -8.85 -0.15 17.38
C GLU B 157 -9.77 -0.64 18.50
N GLY B 158 -10.08 -1.93 18.48
CA GLY B 158 -10.93 -2.51 19.49
C GLY B 158 -10.93 -4.02 19.35
N ASN B 159 -11.13 -4.72 20.47
CA ASN B 159 -11.14 -6.17 20.44
C ASN B 159 -12.50 -6.71 20.88
N ARG B 160 -13.01 -6.18 21.98
CA ARG B 160 -14.30 -6.61 22.50
C ARG B 160 -15.25 -5.43 22.44
N PRO B 161 -16.57 -5.70 22.31
CA PRO B 161 -17.56 -4.63 22.23
C PRO B 161 -17.33 -3.53 23.26
N GLY B 162 -17.44 -2.28 22.81
CA GLY B 162 -17.25 -1.14 23.69
C GLY B 162 -15.80 -0.67 23.75
N ASP B 163 -14.86 -1.55 23.42
CA ASP B 163 -13.43 -1.21 23.46
C ASP B 163 -13.10 0.06 22.68
N ILE B 164 -13.84 0.29 21.60
CA ILE B 164 -13.59 1.46 20.76
C ILE B 164 -13.75 2.79 21.51
N LEU B 165 -14.55 2.78 22.58
CA LEU B 165 -14.76 4.00 23.33
C LEU B 165 -13.51 4.45 24.08
N ARG B 166 -12.47 3.62 24.08
CA ARG B 166 -11.20 3.99 24.71
C ARG B 166 -10.21 4.51 23.68
N ASP B 167 -10.56 4.40 22.40
CA ASP B 167 -9.68 4.86 21.34
C ASP B 167 -9.96 6.34 21.07
N HIS B 168 -9.32 7.20 21.88
CA HIS B 168 -9.51 8.65 21.79
C HIS B 168 -9.29 9.23 20.40
N GLN B 169 -8.21 8.80 19.75
CA GLN B 169 -7.89 9.31 18.42
C GLN B 169 -9.00 8.95 17.42
N ALA B 170 -9.44 7.70 17.44
CA ALA B 170 -10.49 7.26 16.53
C ALA B 170 -11.81 7.96 16.79
N LEU B 171 -12.17 8.07 18.06
CA LEU B 171 -13.44 8.69 18.42
C LEU B 171 -13.49 10.14 17.98
N SER B 172 -12.38 10.85 18.20
CA SER B 172 -12.27 12.25 17.81
C SER B 172 -12.37 12.36 16.31
N ALA B 173 -11.66 11.49 15.60
CA ALA B 173 -11.69 11.51 14.14
C ALA B 173 -13.11 11.24 13.63
N ALA B 174 -13.80 10.26 14.20
CA ALA B 174 -15.15 9.95 13.73
C ALA B 174 -16.10 11.11 14.01
N SER B 175 -15.96 11.74 15.18
CA SER B 175 -16.87 12.85 15.49
C SER B 175 -16.67 14.03 14.53
N ARG B 176 -15.45 14.19 14.01
CA ARG B 176 -15.19 15.28 13.08
C ARG B 176 -15.36 14.91 11.60
N LEU B 177 -15.60 13.63 11.33
CA LEU B 177 -15.71 13.15 9.95
C LEU B 177 -16.59 13.92 9.00
N LEU B 178 -17.81 14.20 9.43
CA LEU B 178 -18.77 14.89 8.58
C LEU B 178 -18.90 16.39 8.82
N LYS B 179 -18.06 16.94 9.68
CA LYS B 179 -18.10 18.38 9.96
C LYS B 179 -17.53 19.19 8.82
N ARG B 180 -18.22 20.29 8.48
CA ARG B 180 -17.81 21.18 7.40
C ARG B 180 -16.91 22.27 7.95
N SER B 181 -17.07 22.56 9.24
CA SER B 181 -16.29 23.58 9.93
C SER B 181 -16.39 23.31 11.42
N ASP B 182 -15.24 23.12 12.06
CA ASP B 182 -15.20 22.83 13.49
C ASP B 182 -14.15 23.70 14.18
N LYS C 5 2.12 -32.56 -1.61
CA LYS C 5 3.25 -31.64 -1.26
C LYS C 5 2.87 -30.19 -1.57
N ILE C 6 2.31 -29.96 -2.75
CA ILE C 6 1.89 -28.63 -3.19
C ILE C 6 0.36 -28.57 -3.34
N ALA C 7 -0.22 -27.44 -2.96
CA ALA C 7 -1.66 -27.27 -3.08
C ALA C 7 -1.98 -25.97 -3.81
N VAL C 8 -2.95 -26.02 -4.72
CA VAL C 8 -3.37 -24.85 -5.46
C VAL C 8 -4.81 -24.63 -5.03
N ILE C 9 -5.07 -23.50 -4.36
CA ILE C 9 -6.40 -23.16 -3.90
C ILE C 9 -6.94 -22.20 -4.96
N ASN C 10 -7.88 -22.67 -5.76
CA ASN C 10 -8.40 -21.86 -6.85
C ASN C 10 -9.74 -21.21 -6.50
N GLY C 11 -9.75 -19.88 -6.39
CA GLY C 11 -10.96 -19.16 -6.06
C GLY C 11 -11.65 -18.52 -7.25
N GLY C 12 -11.29 -18.94 -8.45
CA GLY C 12 -11.90 -18.36 -9.63
C GLY C 12 -12.95 -19.27 -10.27
N THR C 13 -13.07 -19.16 -11.58
CA THR C 13 -13.98 -19.97 -12.37
C THR C 13 -13.05 -20.89 -13.14
N ARG C 14 -13.37 -22.18 -13.14
CA ARG C 14 -12.52 -23.18 -13.78
C ARG C 14 -12.53 -23.33 -15.30
N SER C 15 -11.65 -24.22 -15.75
CA SER C 15 -11.46 -24.55 -17.15
C SER C 15 -11.61 -23.41 -18.14
N GLY C 16 -10.48 -22.94 -18.64
CA GLY C 16 -10.48 -21.86 -19.60
C GLY C 16 -10.30 -20.51 -18.95
N GLY C 17 -10.57 -20.45 -17.65
CA GLY C 17 -10.43 -19.19 -16.94
C GLY C 17 -8.98 -18.74 -16.85
N ASN C 18 -8.76 -17.43 -16.90
CA ASN C 18 -7.42 -16.88 -16.83
C ASN C 18 -6.72 -17.31 -15.55
N THR C 19 -7.48 -17.43 -14.48
CA THR C 19 -6.92 -17.85 -13.22
C THR C 19 -6.49 -19.31 -13.28
N ASP C 20 -7.34 -20.16 -13.86
CA ASP C 20 -7.03 -21.59 -13.99
C ASP C 20 -5.77 -21.82 -14.81
N VAL C 21 -5.66 -21.08 -15.92
CA VAL C 21 -4.52 -21.22 -16.82
C VAL C 21 -3.19 -20.85 -16.16
N LEU C 22 -3.12 -19.69 -15.51
CA LEU C 22 -1.89 -19.29 -14.86
C LEU C 22 -1.48 -20.25 -13.77
N ALA C 23 -2.43 -20.68 -12.95
CA ALA C 23 -2.13 -21.62 -11.88
C ALA C 23 -1.63 -22.92 -12.48
N GLU C 24 -2.30 -23.34 -13.55
CA GLU C 24 -1.96 -24.58 -14.24
C GLU C 24 -0.48 -24.57 -14.60
N LYS C 25 -0.02 -23.48 -15.20
CA LYS C 25 1.38 -23.34 -15.58
C LYS C 25 2.31 -23.38 -14.39
N ALA C 26 1.91 -22.71 -13.30
CA ALA C 26 2.73 -22.67 -12.11
C ALA C 26 3.05 -24.05 -11.55
N VAL C 27 2.08 -24.95 -11.57
CA VAL C 27 2.27 -26.29 -11.04
C VAL C 27 2.30 -27.36 -12.13
N GLN C 28 2.53 -26.94 -13.37
CA GLN C 28 2.58 -27.87 -14.48
C GLN C 28 3.67 -28.89 -14.16
N GLY C 29 3.34 -30.17 -14.37
CA GLY C 29 4.32 -31.22 -14.11
C GLY C 29 4.27 -31.79 -12.71
N PHE C 30 3.86 -30.99 -11.72
CA PHE C 30 3.78 -31.47 -10.35
C PHE C 30 2.44 -32.18 -10.11
N ASP C 31 2.39 -33.01 -9.08
CA ASP C 31 1.17 -33.71 -8.72
C ASP C 31 0.58 -32.90 -7.56
N ALA C 32 0.05 -31.73 -7.88
CA ALA C 32 -0.50 -30.84 -6.88
C ALA C 32 -1.95 -31.08 -6.49
N GLU C 33 -2.25 -30.88 -5.22
CA GLU C 33 -3.59 -31.04 -4.70
C GLU C 33 -4.41 -29.86 -5.22
N HIS C 34 -5.34 -30.13 -6.13
CA HIS C 34 -6.18 -29.05 -6.66
C HIS C 34 -7.44 -28.88 -5.83
N ILE C 35 -7.55 -27.72 -5.21
CA ILE C 35 -8.71 -27.40 -4.39
C ILE C 35 -9.46 -26.30 -5.13
N TYR C 36 -10.75 -26.51 -5.35
CA TYR C 36 -11.56 -25.51 -6.02
C TYR C 36 -12.63 -25.10 -5.03
N LEU C 37 -12.80 -23.79 -4.82
CA LEU C 37 -13.81 -23.34 -3.85
C LEU C 37 -15.17 -23.33 -4.54
N GLN C 38 -16.12 -24.02 -3.95
CA GLN C 38 -17.45 -24.13 -4.53
C GLN C 38 -18.31 -22.88 -4.44
N LYS C 39 -19.18 -22.72 -5.43
CA LYS C 39 -20.11 -21.60 -5.48
C LYS C 39 -21.22 -21.93 -6.46
N TYR C 40 -22.42 -21.51 -6.13
CA TYR C 40 -23.57 -21.79 -6.97
C TYR C 40 -24.35 -20.51 -7.21
N PRO C 41 -25.09 -20.46 -8.33
CA PRO C 41 -25.90 -19.29 -8.69
C PRO C 41 -27.00 -19.00 -7.67
N ALA C 51 -21.59 -13.09 -15.12
CA ALA C 51 -21.99 -13.94 -13.99
C ALA C 51 -21.36 -13.51 -12.66
N GLN C 52 -20.29 -12.72 -12.72
CA GLN C 52 -19.60 -12.28 -11.51
C GLN C 52 -20.59 -11.64 -10.52
N GLY C 53 -20.57 -12.12 -9.28
CA GLY C 53 -21.47 -11.59 -8.27
C GLY C 53 -22.82 -12.29 -8.26
N GLY C 54 -22.97 -13.28 -9.13
CA GLY C 54 -24.22 -14.02 -9.22
C GLY C 54 -24.23 -15.34 -8.48
N PHE C 55 -23.15 -15.62 -7.73
CA PHE C 55 -23.07 -16.86 -6.98
C PHE C 55 -22.97 -16.59 -5.49
N ARG C 56 -22.99 -17.68 -4.73
CA ARG C 56 -22.86 -17.66 -3.28
C ARG C 56 -21.94 -18.83 -2.98
N PRO C 57 -20.82 -18.58 -2.30
CA PRO C 57 -19.95 -19.72 -2.01
C PRO C 57 -20.58 -20.73 -1.07
N VAL C 58 -20.19 -21.98 -1.23
CA VAL C 58 -20.70 -23.06 -0.40
C VAL C 58 -19.47 -23.64 0.27
N GLN C 59 -19.55 -23.92 1.57
CA GLN C 59 -18.39 -24.44 2.29
C GLN C 59 -18.65 -25.75 3.02
N ASP C 60 -19.54 -26.58 2.49
CA ASP C 60 -19.83 -27.86 3.13
C ASP C 60 -18.57 -28.72 3.23
N ASP C 61 -17.67 -28.56 2.27
CA ASP C 61 -16.46 -29.33 2.26
C ASP C 61 -15.26 -28.58 2.82
N TYR C 62 -15.52 -27.53 3.58
CA TYR C 62 -14.45 -26.73 4.18
C TYR C 62 -13.47 -27.58 4.98
N ASP C 63 -13.98 -28.45 5.84
CA ASP C 63 -13.10 -29.26 6.67
C ASP C 63 -12.20 -30.19 5.86
N SER C 64 -12.71 -30.76 4.78
CA SER C 64 -11.88 -31.65 3.97
C SER C 64 -10.83 -30.84 3.22
N ILE C 65 -11.13 -29.59 2.91
CA ILE C 65 -10.16 -28.75 2.21
C ILE C 65 -9.04 -28.42 3.17
N ILE C 66 -9.38 -28.09 4.41
CA ILE C 66 -8.37 -27.79 5.41
C ILE C 66 -7.48 -29.02 5.59
N GLU C 67 -8.10 -30.18 5.77
CA GLU C 67 -7.32 -31.41 5.95
C GLU C 67 -6.29 -31.59 4.85
N ARG C 68 -6.64 -31.23 3.62
CA ARG C 68 -5.73 -31.37 2.49
C ARG C 68 -4.61 -30.35 2.42
N ILE C 69 -4.91 -29.07 2.67
CA ILE C 69 -3.86 -28.05 2.62
C ILE C 69 -2.87 -28.28 3.75
N LEU C 70 -3.39 -28.77 4.88
CA LEU C 70 -2.54 -29.03 6.05
C LEU C 70 -1.47 -30.06 5.76
N GLN C 71 -1.63 -30.81 4.67
CA GLN C 71 -0.65 -31.84 4.31
C GLN C 71 0.33 -31.33 3.26
N CYS C 72 0.11 -30.10 2.79
CA CYS C 72 0.98 -29.54 1.76
C CYS C 72 1.90 -28.45 2.30
N HIS C 73 3.17 -28.49 1.91
CA HIS C 73 4.14 -27.51 2.37
C HIS C 73 4.01 -26.19 1.62
N ILE C 74 3.67 -26.28 0.34
CA ILE C 74 3.53 -25.10 -0.47
C ILE C 74 2.06 -24.89 -0.81
N LEU C 75 1.59 -23.66 -0.61
CA LEU C 75 0.20 -23.31 -0.91
C LEU C 75 0.17 -22.17 -1.92
N ILE C 76 -0.53 -22.38 -3.03
CA ILE C 76 -0.66 -21.35 -4.06
C ILE C 76 -2.13 -20.89 -4.03
N PHE C 77 -2.35 -19.59 -3.83
CA PHE C 77 -3.70 -19.02 -3.78
C PHE C 77 -3.91 -18.34 -5.11
N ALA C 78 -4.86 -18.85 -5.90
CA ALA C 78 -5.13 -18.30 -7.22
C ALA C 78 -6.49 -17.64 -7.23
N THR C 79 -6.53 -16.39 -7.64
CA THR C 79 -7.80 -15.70 -7.62
C THR C 79 -7.97 -14.58 -8.63
N PRO C 80 -9.18 -14.42 -9.15
CA PRO C 80 -9.42 -13.32 -10.07
C PRO C 80 -9.48 -12.09 -9.16
N ILE C 81 -9.25 -10.91 -9.70
CA ILE C 81 -9.34 -9.69 -8.89
C ILE C 81 -10.74 -9.10 -9.12
N TYR C 82 -11.58 -9.18 -8.10
CA TYR C 82 -12.95 -8.63 -8.18
C TYR C 82 -13.02 -7.41 -7.28
N TRP C 83 -13.38 -6.26 -7.86
CA TRP C 83 -13.49 -5.03 -7.08
C TRP C 83 -12.23 -4.77 -6.25
N PHE C 84 -11.08 -4.94 -6.92
CA PHE C 84 -9.77 -4.69 -6.33
C PHE C 84 -9.40 -5.58 -5.15
N GLY C 85 -10.14 -6.69 -5.03
CA GLY C 85 -9.86 -7.62 -3.94
C GLY C 85 -9.85 -9.04 -4.49
N MET C 86 -9.84 -10.02 -3.59
CA MET C 86 -9.84 -11.42 -4.04
C MET C 86 -11.28 -11.81 -4.37
N SER C 87 -11.50 -13.05 -4.78
CA SER C 87 -12.86 -13.48 -5.08
C SER C 87 -13.70 -13.65 -3.80
N GLY C 88 -15.02 -13.69 -3.94
CA GLY C 88 -15.87 -13.90 -2.78
C GLY C 88 -15.60 -15.25 -2.14
N THR C 89 -15.39 -16.27 -2.96
CA THR C 89 -15.10 -17.60 -2.41
C THR C 89 -13.80 -17.63 -1.62
N LEU C 90 -12.73 -17.03 -2.15
CA LEU C 90 -11.48 -17.05 -1.42
C LEU C 90 -11.56 -16.20 -0.14
N LYS C 91 -12.25 -15.06 -0.22
CA LYS C 91 -12.44 -14.20 0.95
C LYS C 91 -13.17 -14.97 2.07
N LEU C 92 -14.25 -15.68 1.73
CA LEU C 92 -14.98 -16.41 2.78
C LEU C 92 -14.17 -17.58 3.32
N PHE C 93 -13.33 -18.15 2.48
CA PHE C 93 -12.47 -19.26 2.87
C PHE C 93 -11.44 -18.77 3.89
N ILE C 94 -10.73 -17.71 3.55
CA ILE C 94 -9.72 -17.18 4.45
C ILE C 94 -10.35 -16.65 5.74
N ASP C 95 -11.48 -15.96 5.63
CA ASP C 95 -12.14 -15.42 6.84
C ASP C 95 -12.43 -16.55 7.85
N ARG C 96 -12.75 -17.72 7.34
CA ARG C 96 -13.09 -18.84 8.20
C ARG C 96 -11.90 -19.36 9.00
N TRP C 97 -10.68 -18.99 8.60
CA TRP C 97 -9.49 -19.41 9.36
C TRP C 97 -9.59 -18.97 10.83
N SER C 98 -10.33 -17.90 11.09
CA SER C 98 -10.50 -17.42 12.47
C SER C 98 -11.19 -18.48 13.31
N GLN C 99 -12.17 -19.14 12.72
CA GLN C 99 -12.91 -20.19 13.39
C GLN C 99 -12.01 -21.42 13.53
N THR C 100 -11.26 -21.72 12.48
CA THR C 100 -10.36 -22.89 12.49
C THR C 100 -9.27 -22.74 13.53
N LEU C 101 -8.79 -21.52 13.74
CA LEU C 101 -7.75 -21.27 14.73
C LEU C 101 -8.18 -21.58 16.17
N ARG C 102 -9.48 -21.81 16.37
CA ARG C 102 -9.97 -22.13 17.71
C ARG C 102 -10.81 -23.41 17.67
N ASP C 103 -10.72 -24.13 16.57
CA ASP C 103 -11.46 -25.37 16.33
C ASP C 103 -10.79 -26.59 16.95
N PRO C 104 -11.47 -27.26 17.90
CA PRO C 104 -10.89 -28.45 18.54
C PRO C 104 -10.50 -29.52 17.53
N ARG C 105 -11.20 -29.54 16.40
CA ARG C 105 -10.96 -30.52 15.34
C ARG C 105 -9.57 -30.40 14.71
N PHE C 106 -9.01 -29.20 14.70
CA PHE C 106 -7.69 -28.98 14.11
C PHE C 106 -6.80 -28.29 15.14
N PRO C 107 -6.45 -29.03 16.21
CA PRO C 107 -5.61 -28.59 17.33
C PRO C 107 -4.31 -27.87 16.99
N ASP C 108 -3.67 -28.26 15.90
CA ASP C 108 -2.39 -27.66 15.53
C ASP C 108 -2.41 -26.70 14.32
N PHE C 109 -3.60 -26.30 13.89
CA PHE C 109 -3.73 -25.41 12.72
C PHE C 109 -2.68 -24.30 12.68
N LYS C 110 -2.64 -23.49 13.72
CA LYS C 110 -1.70 -22.38 13.79
C LYS C 110 -0.25 -22.80 13.49
N GLN C 111 0.26 -23.76 14.25
CA GLN C 111 1.62 -24.23 14.06
C GLN C 111 1.84 -24.85 12.69
N GLN C 112 0.91 -25.70 12.26
CA GLN C 112 1.03 -26.36 10.97
C GLN C 112 1.11 -25.33 9.83
N MET C 113 0.26 -24.32 9.88
CA MET C 113 0.28 -23.30 8.83
C MET C 113 1.54 -22.45 8.88
N SER C 114 2.07 -22.20 10.08
CA SER C 114 3.26 -21.35 10.19
C SER C 114 4.52 -21.83 9.47
N VAL C 115 4.55 -23.09 9.04
CA VAL C 115 5.73 -23.58 8.35
C VAL C 115 5.57 -23.71 6.83
N LYS C 116 4.39 -23.37 6.33
CA LYS C 116 4.15 -23.48 4.89
C LYS C 116 4.63 -22.26 4.13
N GLN C 117 4.88 -22.45 2.84
CA GLN C 117 5.33 -21.38 1.95
C GLN C 117 4.09 -20.99 1.14
N ALA C 118 3.85 -19.69 0.98
CA ALA C 118 2.69 -19.24 0.24
C ALA C 118 3.03 -18.40 -0.98
N TYR C 119 2.22 -18.55 -2.03
CA TYR C 119 2.35 -17.81 -3.29
C TYR C 119 0.95 -17.35 -3.69
N VAL C 120 0.88 -16.29 -4.49
CA VAL C 120 -0.38 -15.74 -4.97
C VAL C 120 -0.37 -15.52 -6.47
N ILE C 121 -1.46 -15.91 -7.13
CA ILE C 121 -1.63 -15.66 -8.56
C ILE C 121 -2.95 -14.91 -8.64
N ALA C 122 -2.93 -13.68 -9.13
CA ALA C 122 -4.14 -12.87 -9.23
C ALA C 122 -4.27 -12.24 -10.61
N VAL C 123 -5.46 -12.33 -11.18
CA VAL C 123 -5.70 -11.80 -12.51
C VAL C 123 -6.84 -10.79 -12.54
N GLY C 124 -6.58 -9.63 -13.14
CA GLY C 124 -7.61 -8.60 -13.21
C GLY C 124 -7.60 -7.90 -14.55
N GLY C 125 -8.70 -7.22 -14.86
CA GLY C 125 -8.77 -6.52 -16.14
C GLY C 125 -8.58 -5.02 -16.07
N ASP C 126 -8.24 -4.51 -14.89
CA ASP C 126 -8.07 -3.06 -14.70
C ASP C 126 -6.66 -2.76 -14.17
N ASN C 127 -5.70 -2.65 -15.08
CA ASN C 127 -4.28 -2.36 -14.76
C ASN C 127 -3.86 -2.99 -13.43
N PRO C 128 -3.97 -4.32 -13.32
CA PRO C 128 -3.61 -5.02 -12.09
C PRO C 128 -2.19 -4.82 -11.58
N LYS C 129 -1.21 -4.59 -12.45
CA LYS C 129 0.17 -4.40 -11.95
C LYS C 129 0.22 -3.22 -10.96
N ILE C 130 -0.75 -2.31 -11.05
CA ILE C 130 -0.81 -1.18 -10.13
C ILE C 130 -2.04 -1.29 -9.20
N LYS C 131 -3.21 -1.50 -9.76
CA LYS C 131 -4.42 -1.53 -8.93
C LYS C 131 -4.60 -2.80 -8.10
N GLY C 132 -3.79 -3.81 -8.39
CA GLY C 132 -3.89 -5.02 -7.61
C GLY C 132 -2.86 -5.04 -6.49
N LEU C 133 -2.06 -3.98 -6.36
CA LEU C 133 -1.07 -3.97 -5.28
C LEU C 133 -1.67 -3.98 -3.86
N PRO C 134 -2.76 -3.26 -3.63
CA PRO C 134 -3.30 -3.32 -2.26
C PRO C 134 -3.65 -4.74 -1.89
N LEU C 135 -4.19 -5.51 -2.85
CA LEU C 135 -4.55 -6.89 -2.60
C LEU C 135 -3.29 -7.70 -2.24
N ILE C 136 -2.21 -7.51 -2.99
CA ILE C 136 -0.99 -8.24 -2.68
C ILE C 136 -0.51 -7.86 -1.27
N GLN C 137 -0.68 -6.58 -0.90
CA GLN C 137 -0.27 -6.13 0.44
C GLN C 137 -1.18 -6.68 1.51
N GLN C 138 -2.45 -6.90 1.18
CA GLN C 138 -3.38 -7.50 2.13
C GLN C 138 -2.91 -8.95 2.34
N PHE C 139 -2.59 -9.65 1.25
CA PHE C 139 -2.08 -11.02 1.37
C PHE C 139 -0.79 -11.04 2.22
N GLU C 140 0.07 -10.05 2.03
CA GLU C 140 1.31 -9.98 2.82
C GLU C 140 0.95 -9.97 4.31
N HIS C 141 -0.04 -9.17 4.70
CA HIS C 141 -0.44 -9.12 6.11
C HIS C 141 -1.08 -10.44 6.57
N ILE C 142 -1.92 -11.03 5.73
CA ILE C 142 -2.56 -12.29 6.07
C ILE C 142 -1.52 -13.37 6.35
N PHE C 143 -0.58 -13.54 5.43
CA PHE C 143 0.45 -14.56 5.61
C PHE C 143 1.34 -14.26 6.80
N HIS C 144 1.69 -12.99 6.99
CA HIS C 144 2.55 -12.66 8.11
C HIS C 144 1.85 -12.99 9.43
N PHE C 145 0.54 -12.76 9.49
CA PHE C 145 -0.22 -13.05 10.70
C PHE C 145 -0.12 -14.56 11.01
N MET C 146 -0.10 -15.38 9.95
CA MET C 146 -0.04 -16.84 10.10
C MET C 146 1.40 -17.39 10.24
N GLY C 147 2.38 -16.51 10.08
CA GLY C 147 3.77 -16.95 10.18
C GLY C 147 4.22 -17.62 8.90
N MET C 148 3.36 -17.57 7.88
CA MET C 148 3.64 -18.19 6.58
C MET C 148 4.54 -17.31 5.74
N SER C 149 5.53 -17.92 5.07
CA SER C 149 6.43 -17.16 4.23
C SER C 149 5.76 -16.83 2.89
N PHE C 150 5.68 -15.54 2.55
CA PHE C 150 5.07 -15.11 1.29
C PHE C 150 6.22 -15.11 0.29
N LYS C 151 6.35 -16.21 -0.46
CA LYS C 151 7.46 -16.40 -1.40
C LYS C 151 7.44 -15.68 -2.75
N GLY C 152 6.26 -15.36 -3.28
CA GLY C 152 6.20 -14.69 -4.56
C GLY C 152 4.78 -14.62 -5.08
N TYR C 153 4.58 -13.86 -6.16
CA TYR C 153 3.25 -13.72 -6.74
C TYR C 153 3.34 -13.32 -8.20
N VAL C 154 2.19 -13.38 -8.85
CA VAL C 154 2.06 -13.00 -10.25
C VAL C 154 0.77 -12.19 -10.41
N LEU C 155 0.87 -11.02 -11.02
CA LEU C 155 -0.30 -10.18 -11.29
C LEU C 155 -0.48 -10.23 -12.79
N GLY C 156 -1.55 -10.89 -13.23
CA GLY C 156 -1.84 -11.02 -14.65
C GLY C 156 -2.97 -10.15 -15.13
N GLU C 157 -2.91 -9.77 -16.41
CA GLU C 157 -3.93 -8.92 -16.99
C GLU C 157 -4.88 -9.71 -17.89
N GLY C 158 -6.18 -9.58 -17.61
CA GLY C 158 -7.19 -10.28 -18.39
C GLY C 158 -8.58 -10.01 -17.87
N ASN C 159 -9.58 -10.06 -18.76
CA ASN C 159 -10.96 -9.82 -18.37
C ASN C 159 -11.90 -10.87 -18.98
N ARG C 160 -11.44 -11.52 -20.05
CA ARG C 160 -12.22 -12.55 -20.73
C ARG C 160 -11.39 -13.83 -20.88
N PRO C 161 -12.05 -15.00 -20.80
CA PRO C 161 -11.36 -16.28 -20.93
C PRO C 161 -10.41 -16.30 -22.14
N GLY C 162 -9.18 -16.75 -21.90
CA GLY C 162 -8.21 -16.82 -22.97
C GLY C 162 -7.33 -15.60 -23.07
N ASP C 163 -7.77 -14.50 -22.45
CA ASP C 163 -7.02 -13.25 -22.46
C ASP C 163 -5.62 -13.37 -21.89
N ILE C 164 -5.46 -14.22 -20.88
CA ILE C 164 -4.14 -14.34 -20.26
C ILE C 164 -3.08 -14.96 -21.16
N LEU C 165 -3.47 -15.40 -22.34
CA LEU C 165 -2.51 -15.97 -23.27
C LEU C 165 -1.76 -14.82 -23.96
N ARG C 166 -2.32 -13.61 -23.84
CA ARG C 166 -1.71 -12.43 -24.43
C ARG C 166 -0.67 -11.81 -23.50
N ASP C 167 -0.76 -12.14 -22.22
CA ASP C 167 0.17 -11.61 -21.22
C ASP C 167 1.35 -12.56 -21.06
N HIS C 168 2.22 -12.60 -22.06
CA HIS C 168 3.39 -13.48 -22.05
C HIS C 168 4.26 -13.22 -20.82
N GLN C 169 4.25 -11.99 -20.34
CA GLN C 169 5.02 -11.64 -19.16
C GLN C 169 4.44 -12.37 -17.95
N ALA C 170 3.13 -12.57 -17.95
CA ALA C 170 2.47 -13.26 -16.84
C ALA C 170 2.73 -14.75 -16.92
N LEU C 171 2.59 -15.32 -18.11
CA LEU C 171 2.82 -16.75 -18.30
C LEU C 171 4.26 -17.09 -17.90
N SER C 172 5.20 -16.22 -18.29
CA SER C 172 6.61 -16.41 -17.96
C SER C 172 6.74 -16.45 -16.43
N ALA C 173 6.25 -15.40 -15.80
CA ALA C 173 6.30 -15.28 -14.35
C ALA C 173 5.69 -16.52 -13.70
N ALA C 174 4.51 -16.92 -14.14
CA ALA C 174 3.84 -18.07 -13.58
C ALA C 174 4.76 -19.29 -13.67
N SER C 175 5.45 -19.39 -14.80
CA SER C 175 6.37 -20.50 -15.02
C SER C 175 7.54 -20.41 -14.05
N ARG C 176 8.08 -19.20 -13.92
CA ARG C 176 9.22 -18.96 -13.04
C ARG C 176 8.82 -18.65 -11.60
N LEU C 177 7.56 -18.91 -11.25
CA LEU C 177 7.07 -18.65 -9.89
C LEU C 177 7.64 -19.57 -8.81
N LEU C 178 7.55 -20.87 -9.03
CA LEU C 178 8.07 -21.85 -8.08
C LEU C 178 9.53 -22.20 -8.38
N LYS D 5 13.38 11.70 26.96
CA LYS D 5 12.16 10.83 26.96
C LYS D 5 11.56 10.79 25.56
N ILE D 6 11.09 11.94 25.08
CA ILE D 6 10.51 12.05 23.72
C ILE D 6 11.39 12.91 22.80
N ALA D 7 11.57 12.47 21.56
CA ALA D 7 12.34 13.23 20.59
C ALA D 7 11.46 13.49 19.37
N VAL D 8 11.53 14.70 18.84
CA VAL D 8 10.82 15.02 17.62
C VAL D 8 11.91 15.25 16.61
N ILE D 9 11.92 14.44 15.55
CA ILE D 9 12.91 14.54 14.49
C ILE D 9 12.20 15.24 13.35
N ASN D 10 12.54 16.52 13.19
CA ASN D 10 11.87 17.36 12.20
C ASN D 10 12.65 17.48 10.90
N GLY D 11 12.09 16.92 9.82
CA GLY D 11 12.74 16.98 8.53
C GLY D 11 12.06 18.00 7.62
N GLY D 12 11.33 18.92 8.22
CA GLY D 12 10.65 19.93 7.44
C GLY D 12 11.37 21.26 7.59
N THR D 13 10.60 22.33 7.57
CA THR D 13 11.16 23.66 7.76
C THR D 13 10.93 23.95 9.22
N ARG D 14 11.20 25.16 9.67
CA ARG D 14 11.00 25.45 11.07
C ARG D 14 10.38 26.82 11.30
N SER D 15 9.73 26.97 12.45
CA SER D 15 9.09 28.22 12.80
C SER D 15 7.94 28.51 11.84
N GLY D 16 6.76 28.03 12.21
CA GLY D 16 5.58 28.26 11.37
C GLY D 16 5.22 27.08 10.50
N GLY D 17 6.21 26.48 9.86
CA GLY D 17 5.95 25.35 8.99
C GLY D 17 4.89 24.42 9.55
N ASN D 18 4.10 23.82 8.66
CA ASN D 18 3.04 22.92 9.07
C ASN D 18 3.54 21.75 9.89
N THR D 19 4.74 21.28 9.57
CA THR D 19 5.34 20.17 10.26
C THR D 19 5.65 20.55 11.70
N ASP D 20 6.24 21.73 11.89
CA ASP D 20 6.58 22.20 13.23
C ASP D 20 5.33 22.36 14.08
N VAL D 21 4.32 22.98 13.49
CA VAL D 21 3.05 23.23 14.16
C VAL D 21 2.40 21.94 14.63
N LEU D 22 2.25 20.95 13.73
CA LEU D 22 1.61 19.70 14.11
C LEU D 22 2.39 18.96 15.18
N ALA D 23 3.72 19.03 15.10
CA ALA D 23 4.55 18.34 16.08
C ALA D 23 4.35 18.94 17.46
N GLU D 24 4.25 20.26 17.54
CA GLU D 24 4.06 20.91 18.82
C GLU D 24 2.75 20.49 19.48
N LYS D 25 1.72 20.25 18.69
CA LYS D 25 0.43 19.82 19.21
C LYS D 25 0.58 18.43 19.83
N ALA D 26 1.40 17.59 19.19
CA ALA D 26 1.61 16.24 19.69
C ALA D 26 2.44 16.17 20.97
N VAL D 27 3.47 17.00 21.08
CA VAL D 27 4.35 16.99 22.26
C VAL D 27 4.20 18.18 23.19
N GLN D 28 3.11 18.91 23.06
CA GLN D 28 2.85 20.09 23.90
C GLN D 28 3.06 19.79 25.40
N GLY D 29 3.84 20.62 26.08
CA GLY D 29 4.06 20.43 27.50
C GLY D 29 5.26 19.59 27.90
N PHE D 30 5.56 18.57 27.10
CA PHE D 30 6.70 17.70 27.40
C PHE D 30 8.03 18.42 27.22
N ASP D 31 9.06 17.93 27.89
CA ASP D 31 10.38 18.50 27.73
C ASP D 31 10.98 17.59 26.67
N ALA D 32 10.48 17.73 25.44
CA ALA D 32 10.92 16.90 24.32
C ALA D 32 12.19 17.36 23.61
N GLU D 33 12.99 16.39 23.19
CA GLU D 33 14.24 16.66 22.47
C GLU D 33 13.81 17.08 21.06
N HIS D 34 14.08 18.33 20.71
CA HIS D 34 13.70 18.85 19.39
C HIS D 34 14.88 18.79 18.42
N ILE D 35 14.81 17.87 17.47
CA ILE D 35 15.87 17.70 16.49
C ILE D 35 15.41 18.27 15.16
N TYR D 36 16.27 19.08 14.55
CA TYR D 36 15.95 19.65 13.26
C TYR D 36 17.04 19.18 12.32
N LEU D 37 16.65 18.59 11.20
CA LEU D 37 17.64 18.11 10.26
C LEU D 37 18.05 19.30 9.40
N GLN D 38 19.32 19.67 9.51
CA GLN D 38 19.87 20.82 8.81
C GLN D 38 19.90 20.68 7.28
N LYS D 39 19.73 21.80 6.59
CA LYS D 39 19.81 21.83 5.13
C LYS D 39 20.35 23.19 4.74
N TYR D 40 21.16 23.19 3.67
CA TYR D 40 21.82 24.39 3.20
C TYR D 40 21.40 24.68 1.75
N PRO D 41 21.14 25.95 1.42
CA PRO D 41 20.73 26.30 0.06
C PRO D 41 21.82 25.99 -0.98
N ILE D 42 21.41 25.63 -2.19
CA ILE D 42 22.38 25.32 -3.24
C ILE D 42 22.25 26.29 -4.41
N ALA D 51 10.92 26.94 -2.33
CA ALA D 51 12.28 26.56 -2.00
C ALA D 51 12.47 25.03 -1.97
N GLN D 52 11.36 24.31 -1.87
CA GLN D 52 11.40 22.85 -1.84
C GLN D 52 12.33 22.36 -2.95
N GLY D 53 13.35 21.59 -2.58
CA GLY D 53 14.30 21.09 -3.57
C GLY D 53 15.44 22.05 -3.86
N GLY D 54 15.46 23.18 -3.16
CA GLY D 54 16.53 24.16 -3.37
C GLY D 54 17.66 23.99 -2.38
N PHE D 55 17.57 22.96 -1.54
CA PHE D 55 18.58 22.71 -0.53
C PHE D 55 19.28 21.38 -0.71
N ARG D 56 20.29 21.20 0.12
CA ARG D 56 21.09 19.99 0.19
C ARG D 56 21.18 19.70 1.69
N PRO D 57 20.88 18.47 2.10
CA PRO D 57 20.98 18.17 3.53
C PRO D 57 22.40 18.29 4.05
N VAL D 58 22.51 18.72 5.30
CA VAL D 58 23.80 18.88 5.98
C VAL D 58 23.78 17.89 7.13
N GLN D 59 24.76 16.99 7.18
CA GLN D 59 24.79 15.99 8.24
C GLN D 59 26.04 16.05 9.10
N ASP D 60 26.61 17.24 9.26
CA ASP D 60 27.80 17.38 10.08
C ASP D 60 27.51 16.99 11.52
N ASP D 61 26.28 17.19 11.96
CA ASP D 61 25.92 16.87 13.35
C ASP D 61 25.15 15.56 13.52
N TYR D 62 25.29 14.66 12.55
CA TYR D 62 24.59 13.37 12.59
C TYR D 62 24.88 12.55 13.85
N ASP D 63 26.15 12.41 14.24
CA ASP D 63 26.48 11.63 15.45
C ASP D 63 25.82 12.23 16.70
N SER D 64 25.80 13.56 16.80
CA SER D 64 25.16 14.22 17.95
C SER D 64 23.66 13.91 17.97
N ILE D 65 23.06 13.82 16.79
CA ILE D 65 21.64 13.52 16.69
C ILE D 65 21.35 12.10 17.15
N ILE D 66 22.17 11.15 16.69
CA ILE D 66 21.99 9.76 17.06
C ILE D 66 22.14 9.64 18.58
N GLU D 67 23.12 10.34 19.14
CA GLU D 67 23.33 10.30 20.59
C GLU D 67 22.07 10.73 21.34
N ARG D 68 21.44 11.80 20.87
CA ARG D 68 20.23 12.29 21.53
C ARG D 68 19.07 11.34 21.34
N ILE D 69 18.91 10.81 20.13
CA ILE D 69 17.84 9.87 19.84
C ILE D 69 17.93 8.64 20.71
N LEU D 70 19.14 8.16 20.94
CA LEU D 70 19.32 6.95 21.73
C LEU D 70 18.84 7.10 23.15
N GLN D 71 18.81 8.34 23.65
CA GLN D 71 18.35 8.57 25.02
C GLN D 71 16.82 8.70 25.14
N CYS D 72 16.12 8.69 24.01
CA CYS D 72 14.67 8.85 24.01
C CYS D 72 13.91 7.56 23.73
N HIS D 73 12.88 7.31 24.52
CA HIS D 73 12.07 6.10 24.35
C HIS D 73 11.03 6.25 23.25
N ILE D 74 10.57 7.48 23.04
CA ILE D 74 9.55 7.74 22.03
C ILE D 74 10.13 8.63 20.95
N LEU D 75 9.97 8.21 19.70
CA LEU D 75 10.49 9.02 18.60
C LEU D 75 9.37 9.44 17.67
N ILE D 76 9.27 10.75 17.38
CA ILE D 76 8.27 11.26 16.46
C ILE D 76 8.96 11.80 15.22
N PHE D 77 8.70 11.17 14.09
CA PHE D 77 9.31 11.58 12.83
C PHE D 77 8.33 12.50 12.16
N ALA D 78 8.71 13.76 11.98
CA ALA D 78 7.83 14.73 11.37
C ALA D 78 8.37 15.16 10.02
N THR D 79 7.56 15.08 8.98
CA THR D 79 8.07 15.43 7.66
C THR D 79 7.06 15.93 6.66
N PRO D 80 7.51 16.80 5.74
CA PRO D 80 6.57 17.27 4.73
C PRO D 80 6.56 16.13 3.73
N ILE D 81 5.53 16.03 2.91
CA ILE D 81 5.47 14.98 1.91
C ILE D 81 5.96 15.63 0.61
N TYR D 82 7.13 15.21 0.15
CA TYR D 82 7.70 15.73 -1.10
C TYR D 82 7.67 14.57 -2.08
N TRP D 83 7.00 14.79 -3.21
CA TRP D 83 6.92 13.75 -4.24
C TRP D 83 6.47 12.40 -3.67
N PHE D 84 5.42 12.47 -2.85
CA PHE D 84 4.79 11.28 -2.25
C PHE D 84 5.70 10.47 -1.35
N GLY D 85 6.76 11.12 -0.90
CA GLY D 85 7.70 10.45 0.01
C GLY D 85 8.08 11.41 1.12
N MET D 86 9.08 11.05 1.92
CA MET D 86 9.49 11.94 2.99
C MET D 86 10.40 13.04 2.44
N SER D 87 10.88 13.91 3.30
CA SER D 87 11.75 14.98 2.83
C SER D 87 13.15 14.48 2.46
N GLY D 88 13.90 15.27 1.71
CA GLY D 88 15.26 14.88 1.37
C GLY D 88 16.08 14.72 2.64
N THR D 89 15.92 15.63 3.60
CA THR D 89 16.70 15.52 4.83
C THR D 89 16.37 14.27 5.63
N LEU D 90 15.09 13.92 5.76
CA LEU D 90 14.75 12.73 6.54
C LEU D 90 15.18 11.46 5.82
N LYS D 91 15.09 11.46 4.50
CA LYS D 91 15.50 10.27 3.71
C LYS D 91 17.01 10.01 3.87
N LEU D 92 17.84 11.05 3.79
CA LEU D 92 19.28 10.84 3.94
C LEU D 92 19.63 10.46 5.39
N PHE D 93 18.84 10.97 6.35
CA PHE D 93 19.06 10.64 7.76
C PHE D 93 18.78 9.15 8.01
N ILE D 94 17.60 8.70 7.59
CA ILE D 94 17.26 7.28 7.79
C ILE D 94 18.20 6.37 6.97
N ASP D 95 18.57 6.75 5.75
CA ASP D 95 19.45 5.90 4.95
C ASP D 95 20.78 5.67 5.68
N ARG D 96 21.24 6.68 6.41
CA ARG D 96 22.51 6.56 7.16
C ARG D 96 22.42 5.58 8.33
N TRP D 97 21.21 5.15 8.70
CA TRP D 97 21.12 4.14 9.77
C TRP D 97 21.89 2.90 9.30
N SER D 98 22.02 2.72 7.99
CA SER D 98 22.76 1.57 7.49
C SER D 98 24.21 1.65 7.99
N GLN D 99 24.73 2.86 8.03
CA GLN D 99 26.10 3.09 8.51
C GLN D 99 26.17 2.90 10.02
N THR D 100 25.21 3.45 10.73
CA THR D 100 25.20 3.35 12.18
C THR D 100 25.07 1.91 12.65
N LEU D 101 24.40 1.08 11.86
CA LEU D 101 24.24 -0.33 12.22
C LEU D 101 25.56 -1.08 12.13
N ARG D 102 26.58 -0.42 11.57
CA ARG D 102 27.91 -1.02 11.43
C ARG D 102 28.93 -0.18 12.18
N ASP D 103 28.45 0.82 12.93
CA ASP D 103 29.32 1.77 13.65
C ASP D 103 29.76 1.29 15.04
N PRO D 104 31.07 1.03 15.25
CA PRO D 104 31.51 0.57 16.56
C PRO D 104 31.30 1.58 17.68
N ARG D 105 31.05 2.84 17.36
CA ARG D 105 30.84 3.82 18.41
C ARG D 105 29.42 3.72 18.98
N PHE D 106 28.56 2.98 18.29
CA PHE D 106 27.17 2.78 18.73
C PHE D 106 26.94 1.29 18.58
N PRO D 107 27.71 0.48 19.33
CA PRO D 107 27.64 -0.98 19.31
C PRO D 107 26.30 -1.66 19.57
N ASP D 108 25.40 -0.97 20.28
CA ASP D 108 24.11 -1.57 20.60
C ASP D 108 22.94 -0.87 19.90
N PHE D 109 23.23 -0.15 18.83
CA PHE D 109 22.23 0.61 18.08
C PHE D 109 20.98 -0.18 17.73
N LYS D 110 21.13 -1.33 17.08
CA LYS D 110 19.97 -2.11 16.69
C LYS D 110 19.10 -2.45 17.91
N GLN D 111 19.72 -3.01 18.94
CA GLN D 111 18.97 -3.37 20.15
C GLN D 111 18.31 -2.16 20.80
N GLN D 112 19.06 -1.07 20.94
CA GLN D 112 18.52 0.15 21.53
C GLN D 112 17.33 0.69 20.74
N MET D 113 17.42 0.70 19.42
CA MET D 113 16.30 1.20 18.63
C MET D 113 15.08 0.27 18.74
N SER D 114 15.34 -1.04 18.86
CA SER D 114 14.26 -2.04 18.92
C SER D 114 13.27 -1.90 20.07
N VAL D 115 13.62 -1.19 21.14
CA VAL D 115 12.68 -1.03 22.24
C VAL D 115 11.99 0.33 22.21
N LYS D 116 12.22 1.10 21.15
CA LYS D 116 11.60 2.43 21.06
C LYS D 116 10.25 2.39 20.36
N GLN D 117 9.43 3.41 20.63
CA GLN D 117 8.11 3.55 20.03
C GLN D 117 8.21 4.67 19.02
N ALA D 118 7.67 4.44 17.82
CA ALA D 118 7.75 5.42 16.76
C ALA D 118 6.38 5.94 16.32
N TYR D 119 6.34 7.23 15.96
CA TYR D 119 5.14 7.90 15.46
C TYR D 119 5.56 8.71 14.26
N VAL D 120 4.62 9.00 13.38
CA VAL D 120 4.91 9.78 12.17
C VAL D 120 3.89 10.92 11.99
N ILE D 121 4.37 12.10 11.64
CA ILE D 121 3.50 13.24 11.33
C ILE D 121 3.97 13.66 9.93
N ALA D 122 3.07 13.63 8.94
CA ALA D 122 3.41 13.98 7.57
C ALA D 122 2.36 14.92 7.01
N VAL D 123 2.83 15.99 6.37
CA VAL D 123 1.92 16.97 5.81
C VAL D 123 2.19 17.15 4.34
N GLY D 124 1.12 17.14 3.54
CA GLY D 124 1.24 17.29 2.10
C GLY D 124 0.07 18.08 1.54
N GLY D 125 0.22 18.62 0.33
CA GLY D 125 -0.86 19.39 -0.25
C GLY D 125 -1.64 18.71 -1.35
N ASP D 126 -1.33 17.44 -1.60
CA ASP D 126 -1.99 16.69 -2.65
C ASP D 126 -2.73 15.47 -2.07
N ASN D 127 -3.94 15.68 -1.55
CA ASN D 127 -4.80 14.64 -0.96
C ASN D 127 -4.00 13.57 -0.20
N PRO D 128 -3.22 14.04 0.78
CA PRO D 128 -2.36 13.22 1.64
C PRO D 128 -3.05 12.00 2.27
N LYS D 129 -4.31 12.17 2.69
CA LYS D 129 -5.07 11.09 3.34
C LYS D 129 -5.08 9.84 2.49
N ILE D 130 -4.93 10.02 1.19
CA ILE D 130 -4.87 8.89 0.28
C ILE D 130 -3.50 8.76 -0.39
N LYS D 131 -3.00 9.85 -0.96
CA LYS D 131 -1.72 9.79 -1.65
C LYS D 131 -0.51 9.65 -0.74
N GLY D 132 -0.71 9.84 0.56
CA GLY D 132 0.37 9.70 1.52
C GLY D 132 0.41 8.31 2.16
N LEU D 133 -0.52 7.43 1.77
CA LEU D 133 -0.52 6.09 2.38
C LEU D 133 0.71 5.26 2.01
N PRO D 134 1.19 5.32 0.76
CA PRO D 134 2.39 4.52 0.48
C PRO D 134 3.53 4.92 1.41
N LEU D 135 3.64 6.22 1.69
CA LEU D 135 4.72 6.68 2.58
C LEU D 135 4.55 6.09 3.99
N ILE D 136 3.32 6.07 4.49
CA ILE D 136 3.08 5.50 5.81
C ILE D 136 3.45 4.01 5.78
N GLN D 137 3.13 3.33 4.69
CA GLN D 137 3.48 1.89 4.60
C GLN D 137 4.98 1.70 4.49
N GLN D 138 5.67 2.68 3.91
CA GLN D 138 7.11 2.60 3.80
C GLN D 138 7.64 2.74 5.23
N PHE D 139 7.11 3.69 6.00
CA PHE D 139 7.57 3.86 7.39
C PHE D 139 7.32 2.58 8.17
N GLU D 140 6.19 1.92 7.89
CA GLU D 140 5.84 0.66 8.56
C GLU D 140 6.98 -0.35 8.35
N HIS D 141 7.45 -0.49 7.11
CA HIS D 141 8.54 -1.45 6.83
C HIS D 141 9.83 -1.02 7.50
N ILE D 142 10.12 0.28 7.48
CA ILE D 142 11.34 0.79 8.12
C ILE D 142 11.33 0.45 9.63
N PHE D 143 10.25 0.81 10.31
CA PHE D 143 10.21 0.54 11.74
C PHE D 143 10.22 -0.96 12.05
N HIS D 144 9.49 -1.75 11.28
CA HIS D 144 9.45 -3.19 11.50
C HIS D 144 10.85 -3.78 11.36
N PHE D 145 11.62 -3.26 10.42
CA PHE D 145 12.97 -3.77 10.20
C PHE D 145 13.82 -3.53 11.45
N MET D 146 13.61 -2.38 12.09
CA MET D 146 14.34 -1.99 13.28
C MET D 146 13.71 -2.57 14.54
N GLY D 147 12.57 -3.23 14.40
CA GLY D 147 11.89 -3.81 15.55
C GLY D 147 11.16 -2.77 16.38
N MET D 148 11.07 -1.56 15.85
CA MET D 148 10.39 -0.46 16.52
C MET D 148 8.89 -0.55 16.36
N SER D 149 8.14 -0.31 17.43
CA SER D 149 6.69 -0.36 17.36
C SER D 149 6.17 0.95 16.74
N PHE D 150 5.39 0.82 15.68
CA PHE D 150 4.82 1.96 14.96
C PHE D 150 3.48 2.16 15.61
N LYS D 151 3.45 3.10 16.57
CA LYS D 151 2.29 3.39 17.40
C LYS D 151 1.19 4.28 16.84
N GLY D 152 1.51 5.15 15.89
CA GLY D 152 0.46 6.00 15.34
C GLY D 152 1.02 7.03 14.40
N TYR D 153 0.16 7.71 13.65
CA TYR D 153 0.60 8.75 12.73
C TYR D 153 -0.52 9.72 12.48
N VAL D 154 -0.19 10.82 11.83
CA VAL D 154 -1.15 11.81 11.44
C VAL D 154 -0.79 12.28 10.02
N LEU D 155 -1.78 12.29 9.11
CA LEU D 155 -1.54 12.79 7.76
C LEU D 155 -2.31 14.10 7.72
N GLY D 156 -1.61 15.20 7.49
CA GLY D 156 -2.25 16.51 7.49
C GLY D 156 -2.17 17.17 6.13
N GLU D 157 -3.10 18.08 5.87
CA GLU D 157 -3.14 18.75 4.57
C GLU D 157 -2.64 20.20 4.67
N GLY D 158 -1.71 20.54 3.78
CA GLY D 158 -1.15 21.88 3.80
C GLY D 158 -0.15 22.10 2.69
N ASN D 159 -0.12 23.33 2.18
CA ASN D 159 0.79 23.70 1.09
C ASN D 159 1.71 24.84 1.51
N ARG D 160 1.12 25.89 2.05
CA ARG D 160 1.87 27.05 2.48
C ARG D 160 1.87 27.13 4.00
N PRO D 161 2.91 27.73 4.59
CA PRO D 161 3.05 27.88 6.04
C PRO D 161 1.76 28.30 6.74
N GLY D 162 1.49 27.67 7.88
CA GLY D 162 0.31 27.98 8.66
C GLY D 162 -1.03 27.49 8.16
N ASP D 163 -1.09 26.93 6.96
CA ASP D 163 -2.39 26.48 6.48
C ASP D 163 -2.85 25.19 7.15
N ILE D 164 -1.98 24.55 7.93
CA ILE D 164 -2.38 23.32 8.61
C ILE D 164 -3.39 23.66 9.70
N LEU D 165 -3.31 24.87 10.23
CA LEU D 165 -4.22 25.33 11.26
C LEU D 165 -5.68 25.27 10.78
N ARG D 166 -5.85 25.09 9.46
CA ARG D 166 -7.17 25.00 8.87
C ARG D 166 -7.64 23.54 8.79
N ASP D 167 -6.71 22.61 9.03
CA ASP D 167 -7.02 21.18 9.00
C ASP D 167 -7.32 20.74 10.43
N HIS D 168 -8.51 21.08 10.92
CA HIS D 168 -8.89 20.74 12.28
C HIS D 168 -8.82 19.25 12.58
N GLN D 169 -9.12 18.42 11.60
CA GLN D 169 -9.04 16.97 11.78
C GLN D 169 -7.59 16.61 12.12
N ALA D 170 -6.64 17.22 11.43
CA ALA D 170 -5.22 16.93 11.66
C ALA D 170 -4.74 17.51 12.98
N LEU D 171 -5.19 18.71 13.30
CA LEU D 171 -4.77 19.32 14.56
C LEU D 171 -5.20 18.50 15.77
N SER D 172 -6.44 18.01 15.76
CA SER D 172 -6.92 17.22 16.90
C SER D 172 -6.31 15.83 16.90
N ALA D 173 -6.01 15.32 15.71
CA ALA D 173 -5.40 13.99 15.59
C ALA D 173 -3.99 14.07 16.18
N ALA D 174 -3.30 15.18 15.92
CA ALA D 174 -1.94 15.35 16.44
C ALA D 174 -1.96 15.51 17.96
N SER D 175 -2.95 16.24 18.48
CA SER D 175 -3.07 16.43 19.91
C SER D 175 -3.31 15.11 20.62
N ARG D 176 -3.96 14.19 19.92
CA ARG D 176 -4.26 12.89 20.50
C ARG D 176 -3.31 11.81 19.99
N LEU D 177 -2.19 12.23 19.41
CA LEU D 177 -1.25 11.27 18.84
C LEU D 177 -0.67 10.25 19.80
N LEU D 178 -0.09 10.72 20.90
CA LEU D 178 0.54 9.82 21.84
C LEU D 178 -0.46 8.91 22.56
N LYS D 179 -0.30 7.60 22.38
CA LYS D 179 -1.19 6.63 23.02
C LYS D 179 -1.16 6.81 24.53
N ARG D 180 -2.24 6.40 25.19
CA ARG D 180 -2.35 6.53 26.63
C ARG D 180 -3.01 5.30 27.25
#